data_6WCV
#
_entry.id   6WCV
#
_cell.length_a   87.069
_cell.length_b   82.465
_cell.length_c   49.276
_cell.angle_alpha   90.000
_cell.angle_beta   102.870
_cell.angle_gamma   90.000
#
_symmetry.space_group_name_H-M   'P 1 21 1'
#
loop_
_entity.id
_entity.type
_entity.pdbx_description
1 polymer 'Succinate--CoA ligase [ADP/GDP-forming] subunit alpha, mitochondrial'
2 polymer 'Succinate--CoA ligase [GDP-forming] subunit beta, mitochondrial'
3 non-polymer '(3S,5S,9R,20R,21R)-1-[(2R,3S,4R,5R)-5-(6-amino-9H-purin-9-yl)-4-hydroxy-3-(phosphonooxy)tetrahydrofuran-2-yl]-3,5,9,20, 21-pentahydroxy-8,8-dimethyl-10,14,19-trioxo-2,4,6-trioxa-18-thia-11,15-diaza-3,5-diphosphadocosan-22-oic acid 3,5-dioxide (non-preferred name)'
4 water water
#
loop_
_entity_poly.entity_id
_entity_poly.type
_entity_poly.pdbx_seq_one_letter_code
_entity_poly.pdbx_strand_id
1 'polypeptide(L)'
;MSYTASRQHLYVDKNTKIICQGFTGKQGTFHSQQALEYGTKLVGGTTPGKGGQTHLGLPVFNTVKEAKEQTGATASVIYV
PPPFAAAAINEAIEAEIPLVVCITEGIPQQDMVRVKHKLLRQEKTRLIGPNCPGVINPGECKIGIMPGHIHKKGRIGIVS
RSGTLTYEAVHQTTQVGLGQSLCVGIGGDPFNGTDFIDCLEIFLNDSATEGIILIGEIGGNAEENAAEFLKQHNSGPNSK
PVVSFIAGLTAPPGRRMGHAGAIIAGGKGGAKEKISALQSAGVVVSMSPAQLGTTIYKEFEKRKMLEHHHHHHHH
;
A
2 'polypeptide(L)'
;MNLQEYQSKKLMSDNGVRVQRFFVADTANEALEAAKRLNAKEIVLKAQILAGGRGKGVFNSGLKGGVHLTKDPNVVGQLA
KQMIGYNLATKQTPKEGVKVNKVMVAEALDISRETYLAILMDRSCNGPVLVGSPQGGVDIEEVAASNPELIFKEQIDIFE
GIKDSQAQRMAENLGFVGPLKSQAADQITKLYNLFLKIDATQVEVNPFGETPEGQVVCFDAKINFDDNAEFRQKDIFAMD
DKSENEPIENEAAKYDLKYIGLDGNIACFVNGAGLAMATCDIIFLNGGKPANFLDLGGGVKEAQVYQAFKLLTADPKVEA
ILVNIFGGIVNCAIIANGITKACRELELKVPLVVRLEGTNVQEAQKILNNSGLPITSAIDLEDAAKKAVASVAKK
;
B
#
# COMPACT_ATOMS: atom_id res chain seq x y z
N SER A 2 29.36 0.52 2.45
CA SER A 2 27.97 0.97 2.45
C SER A 2 27.02 -0.22 2.68
N TYR A 3 25.74 0.10 2.87
CA TYR A 3 24.73 -0.93 3.10
C TYR A 3 24.70 -1.96 1.97
N THR A 4 25.07 -1.57 0.74
CA THR A 4 25.08 -2.54 -0.35
C THR A 4 26.01 -3.71 -0.06
N ALA A 5 27.00 -3.53 0.81
CA ALA A 5 27.92 -4.62 1.12
C ALA A 5 27.21 -5.82 1.75
N SER A 6 26.02 -5.64 2.30
CA SER A 6 25.31 -6.73 2.95
C SER A 6 24.39 -7.50 2.00
N ARG A 7 24.35 -7.14 0.71
CA ARG A 7 23.49 -7.85 -0.23
C ARG A 7 23.73 -9.35 -0.20
N GLN A 8 24.99 -9.76 -0.03
CA GLN A 8 25.33 -11.18 -0.04
C GLN A 8 24.57 -11.97 1.01
N HIS A 9 24.18 -11.32 2.11
CA HIS A 9 23.48 -12.00 3.18
C HIS A 9 22.10 -12.50 2.77
N LEU A 10 21.58 -12.02 1.64
CA LEU A 10 20.31 -12.52 1.13
C LEU A 10 20.38 -14.00 0.75
N TYR A 11 21.58 -14.48 0.40
CA TYR A 11 21.72 -15.83 -0.14
C TYR A 11 21.85 -16.83 1.02
N VAL A 12 20.72 -17.04 1.69
CA VAL A 12 20.69 -18.03 2.77
C VAL A 12 21.03 -19.41 2.21
N ASP A 13 21.49 -20.28 3.09
CA ASP A 13 21.94 -21.59 2.64
C ASP A 13 21.87 -22.58 3.80
N LYS A 14 22.48 -23.75 3.58
CA LYS A 14 22.32 -24.86 4.49
C LYS A 14 23.03 -24.64 5.82
N ASN A 15 23.81 -23.57 5.94
CA ASN A 15 24.47 -23.26 7.20
C ASN A 15 23.77 -22.16 7.98
N THR A 16 22.71 -21.56 7.42
CA THR A 16 22.03 -20.47 8.09
C THR A 16 21.31 -20.97 9.32
N LYS A 17 21.58 -20.33 10.45
CA LYS A 17 20.95 -20.64 11.73
C LYS A 17 20.05 -19.47 12.10
N ILE A 18 18.80 -19.77 12.47
CA ILE A 18 17.74 -18.78 12.55
C ILE A 18 17.19 -18.68 13.95
N ILE A 19 16.94 -17.45 14.40
CA ILE A 19 16.15 -17.20 15.60
C ILE A 19 14.87 -16.48 15.20
N CYS A 20 13.82 -16.69 16.00
CA CYS A 20 12.51 -16.10 15.77
C CYS A 20 12.25 -15.02 16.81
N GLN A 21 12.11 -13.77 16.36
CA GLN A 21 11.70 -12.68 17.25
C GLN A 21 10.17 -12.65 17.27
N GLY A 22 9.59 -12.72 18.47
CA GLY A 22 8.17 -12.99 18.59
C GLY A 22 7.86 -14.46 18.69
N PHE A 23 8.80 -15.24 19.22
CA PHE A 23 8.82 -16.70 19.12
C PHE A 23 7.62 -17.34 19.78
N THR A 24 7.17 -16.78 20.90
CA THR A 24 6.10 -17.38 21.67
C THR A 24 4.73 -16.91 21.26
N GLY A 25 4.65 -15.99 20.29
CA GLY A 25 3.37 -15.51 19.80
C GLY A 25 2.66 -16.51 18.91
N LYS A 26 1.44 -16.14 18.52
CA LYS A 26 0.60 -17.06 17.77
C LYS A 26 1.25 -17.46 16.44
N GLN A 27 1.64 -16.46 15.65
CA GLN A 27 2.22 -16.76 14.34
C GLN A 27 3.67 -17.19 14.45
N GLY A 28 4.42 -16.59 15.38
CA GLY A 28 5.76 -17.09 15.65
C GLY A 28 5.75 -18.55 16.01
N THR A 29 4.80 -18.97 16.85
CA THR A 29 4.71 -20.38 17.20
C THR A 29 4.32 -21.23 16.01
N PHE A 30 3.28 -20.83 15.27
CA PHE A 30 2.82 -21.66 14.16
C PHE A 30 3.90 -21.85 13.11
N HIS A 31 4.55 -20.76 12.68
CA HIS A 31 5.51 -20.90 11.59
C HIS A 31 6.80 -21.52 12.08
N SER A 32 7.14 -21.39 13.37
CA SER A 32 8.27 -22.13 13.91
C SER A 32 7.96 -23.63 13.96
N GLN A 33 6.74 -23.99 14.40
CA GLN A 33 6.32 -25.39 14.36
C GLN A 33 6.42 -25.96 12.96
N GLN A 34 5.97 -25.20 11.96
CA GLN A 34 6.10 -25.65 10.58
C GLN A 34 7.56 -25.78 10.18
N ALA A 35 8.38 -24.79 10.56
CA ALA A 35 9.79 -24.80 10.20
C ALA A 35 10.50 -26.00 10.80
N LEU A 36 10.20 -26.33 12.05
CA LEU A 36 10.84 -27.48 12.68
C LEU A 36 10.37 -28.80 12.06
N GLU A 37 9.07 -28.92 11.77
CA GLU A 37 8.58 -30.09 11.05
C GLU A 37 9.33 -30.23 9.72
N TYR A 38 9.65 -29.10 9.09
CA TYR A 38 10.31 -29.02 7.81
C TYR A 38 11.81 -29.31 7.88
N GLY A 39 12.40 -29.27 9.07
CA GLY A 39 13.82 -29.48 9.21
C GLY A 39 14.67 -28.23 9.21
N THR A 40 14.05 -27.06 9.24
CA THR A 40 14.81 -25.81 9.23
C THR A 40 15.65 -25.66 10.49
N LYS A 41 16.82 -25.03 10.34
CA LYS A 41 17.75 -24.82 11.47
C LYS A 41 17.35 -23.61 12.31
N LEU A 42 16.12 -23.70 12.84
CA LEU A 42 15.65 -22.78 13.87
C LEU A 42 16.25 -23.19 15.20
N VAL A 43 16.94 -22.27 15.87
CA VAL A 43 17.73 -22.60 17.06
C VAL A 43 17.24 -21.89 18.31
N GLY A 44 16.24 -21.05 18.23
CA GLY A 44 15.77 -20.34 19.40
C GLY A 44 14.94 -19.13 18.99
N GLY A 45 14.64 -18.30 19.98
CA GLY A 45 13.85 -17.11 19.69
C GLY A 45 13.86 -16.15 20.85
N THR A 46 13.34 -14.95 20.59
CA THR A 46 13.25 -13.92 21.62
C THR A 46 11.79 -13.55 21.88
N THR A 47 11.50 -13.26 23.15
CA THR A 47 10.32 -12.56 23.64
C THR A 47 10.81 -11.82 24.87
N PRO A 48 10.82 -10.48 24.89
CA PRO A 48 11.34 -9.79 26.08
C PRO A 48 10.56 -10.21 27.32
N GLY A 49 11.31 -10.57 28.37
CA GLY A 49 10.72 -11.01 29.61
C GLY A 49 10.55 -12.51 29.76
N LYS A 50 10.74 -13.28 28.68
CA LYS A 50 10.58 -14.73 28.75
C LYS A 50 11.90 -15.46 28.57
N GLY A 51 13.03 -14.76 28.72
CA GLY A 51 14.32 -15.43 28.64
C GLY A 51 14.43 -16.52 29.69
N GLY A 52 15.03 -17.64 29.29
CA GLY A 52 15.14 -18.78 30.16
C GLY A 52 13.99 -19.77 30.06
N GLN A 53 12.90 -19.40 29.39
CA GLN A 53 11.84 -20.34 29.08
C GLN A 53 12.25 -21.25 27.92
N THR A 54 11.43 -22.26 27.68
CA THR A 54 11.59 -23.20 26.58
C THR A 54 10.32 -23.14 25.75
N HIS A 55 10.47 -23.33 24.44
CA HIS A 55 9.35 -23.26 23.50
C HIS A 55 9.69 -24.12 22.30
N LEU A 56 8.82 -25.09 22.01
CA LEU A 56 9.06 -26.04 20.93
C LEU A 56 10.39 -26.76 21.12
N GLY A 57 10.79 -26.96 22.36
CA GLY A 57 12.04 -27.63 22.67
C GLY A 57 13.28 -26.78 22.52
N LEU A 58 13.12 -25.48 22.26
CA LEU A 58 14.22 -24.58 22.00
C LEU A 58 14.27 -23.47 23.03
N PRO A 59 15.42 -22.85 23.21
CA PRO A 59 15.54 -21.78 24.22
C PRO A 59 14.90 -20.48 23.78
N VAL A 60 14.29 -19.80 24.75
CA VAL A 60 13.78 -18.44 24.59
C VAL A 60 14.76 -17.49 25.27
N PHE A 61 14.96 -16.32 24.68
CA PHE A 61 15.90 -15.33 25.15
C PHE A 61 15.23 -13.97 25.32
N ASN A 62 15.77 -13.17 26.24
CA ASN A 62 15.24 -11.82 26.45
C ASN A 62 15.66 -10.85 25.37
N THR A 63 16.83 -11.07 24.76
CA THR A 63 17.41 -10.13 23.81
C THR A 63 17.99 -10.88 22.62
N VAL A 64 18.02 -10.20 21.47
CA VAL A 64 18.70 -10.75 20.31
C VAL A 64 20.18 -10.97 20.60
N LYS A 65 20.80 -10.02 21.30
CA LYS A 65 22.21 -10.15 21.63
C LYS A 65 22.50 -11.45 22.37
N GLU A 66 21.70 -11.76 23.39
CA GLU A 66 21.93 -13.00 24.12
C GLU A 66 21.67 -14.22 23.24
N ALA A 67 20.57 -14.19 22.47
CA ALA A 67 20.27 -15.30 21.58
C ALA A 67 21.40 -15.52 20.59
N LYS A 68 21.94 -14.45 20.00
CA LYS A 68 23.01 -14.60 19.03
C LYS A 68 24.26 -15.19 19.68
N GLU A 69 24.62 -14.70 20.86
CA GLU A 69 25.82 -15.19 21.51
C GLU A 69 25.68 -16.67 21.86
N GLN A 70 24.49 -17.09 22.29
CA GLN A 70 24.32 -18.44 22.80
C GLN A 70 24.10 -19.47 21.70
N THR A 71 23.57 -19.05 20.54
CA THR A 71 23.24 -19.99 19.48
C THR A 71 24.08 -19.80 18.23
N GLY A 72 24.81 -18.69 18.10
CA GLY A 72 25.51 -18.41 16.86
C GLY A 72 24.61 -18.12 15.69
N ALA A 73 23.38 -17.70 15.95
CA ALA A 73 22.43 -17.41 14.88
C ALA A 73 23.01 -16.40 13.89
N THR A 74 22.73 -16.63 12.61
CA THR A 74 23.13 -15.69 11.56
C THR A 74 21.94 -15.05 10.86
N ALA A 75 20.71 -15.39 11.24
CA ALA A 75 19.53 -14.77 10.66
C ALA A 75 18.45 -14.73 11.72
N SER A 76 17.55 -13.77 11.58
CA SER A 76 16.37 -13.67 12.43
C SER A 76 15.15 -13.40 11.56
N VAL A 77 14.01 -13.89 12.03
CA VAL A 77 12.71 -13.67 11.39
C VAL A 77 11.78 -13.07 12.45
N ILE A 78 11.03 -12.04 12.07
CA ILE A 78 10.30 -11.21 13.01
C ILE A 78 8.80 -11.40 12.83
N TYR A 79 8.14 -11.86 13.90
CA TYR A 79 6.68 -11.96 13.98
C TYR A 79 6.18 -11.10 15.15
N VAL A 80 6.60 -9.85 15.18
CA VAL A 80 6.32 -8.91 16.28
C VAL A 80 5.23 -7.95 15.83
N PRO A 81 4.27 -7.61 16.67
CA PRO A 81 3.13 -6.79 16.21
C PRO A 81 3.55 -5.39 15.82
N PRO A 82 2.74 -4.70 15.01
CA PRO A 82 3.18 -3.45 14.37
C PRO A 82 3.70 -2.40 15.34
N PRO A 83 3.14 -2.23 16.53
CA PRO A 83 3.63 -1.14 17.40
C PRO A 83 5.08 -1.30 17.82
N PHE A 84 5.62 -2.52 17.80
CA PHE A 84 6.93 -2.79 18.33
C PHE A 84 7.88 -3.40 17.29
N ALA A 85 7.41 -3.63 16.07
CA ALA A 85 8.21 -4.38 15.11
C ALA A 85 9.41 -3.58 14.60
N ALA A 86 9.29 -2.26 14.46
CA ALA A 86 10.45 -1.47 14.09
C ALA A 86 11.52 -1.55 15.17
N ALA A 87 11.10 -1.50 16.44
CA ALA A 87 12.05 -1.68 17.54
C ALA A 87 12.72 -3.04 17.44
N ALA A 88 11.97 -4.06 17.06
CA ALA A 88 12.55 -5.39 16.91
C ALA A 88 13.57 -5.43 15.78
N ILE A 89 13.28 -4.77 14.66
CA ILE A 89 14.25 -4.69 13.58
C ILE A 89 15.51 -3.97 14.07
N ASN A 90 15.33 -2.83 14.73
CA ASN A 90 16.49 -2.08 15.20
C ASN A 90 17.33 -2.90 16.17
N GLU A 91 16.68 -3.68 17.04
CA GLU A 91 17.42 -4.54 17.96
C GLU A 91 18.30 -5.53 17.20
N ALA A 92 17.77 -6.14 16.15
CA ALA A 92 18.57 -7.07 15.35
C ALA A 92 19.70 -6.35 14.62
N ILE A 93 19.45 -5.15 14.10
CA ILE A 93 20.51 -4.37 13.47
C ILE A 93 21.62 -4.09 14.47
N GLU A 94 21.26 -3.61 15.66
CA GLU A 94 22.28 -3.26 16.66
C GLU A 94 23.03 -4.50 17.14
N ALA A 95 22.38 -5.66 17.17
CA ALA A 95 23.06 -6.92 17.48
C ALA A 95 23.85 -7.47 16.29
N GLU A 96 23.78 -6.82 15.14
CA GLU A 96 24.58 -7.20 13.96
C GLU A 96 24.22 -8.58 13.45
N ILE A 97 22.93 -8.93 13.54
CA ILE A 97 22.45 -10.14 12.87
C ILE A 97 22.65 -9.98 11.36
N PRO A 98 23.30 -10.94 10.67
CA PRO A 98 23.57 -10.70 9.24
C PRO A 98 22.32 -10.53 8.38
N LEU A 99 21.25 -11.28 8.64
CA LEU A 99 20.05 -11.25 7.81
C LEU A 99 18.83 -11.21 8.71
N VAL A 100 18.01 -10.19 8.54
CA VAL A 100 16.76 -10.02 9.27
C VAL A 100 15.61 -10.04 8.26
N VAL A 101 14.62 -10.89 8.52
CA VAL A 101 13.45 -11.02 7.67
C VAL A 101 12.24 -10.60 8.50
N CYS A 102 11.59 -9.51 8.12
CA CYS A 102 10.45 -9.00 8.89
C CYS A 102 9.14 -9.32 8.18
N ILE A 103 8.33 -10.18 8.79
CA ILE A 103 7.06 -10.62 8.20
C ILE A 103 5.95 -9.61 8.46
N THR A 104 6.02 -8.89 9.57
CA THR A 104 4.94 -8.03 10.05
C THR A 104 4.37 -7.11 8.97
N GLU A 105 3.04 -7.11 8.90
CA GLU A 105 2.24 -6.18 8.10
C GLU A 105 1.70 -5.09 9.01
N GLY A 106 1.72 -3.85 8.55
CA GLY A 106 1.14 -2.76 9.32
C GLY A 106 2.08 -1.87 10.09
N ILE A 107 3.38 -1.99 9.88
CA ILE A 107 4.31 -1.06 10.55
C ILE A 107 4.08 0.35 9.98
N PRO A 108 3.96 1.37 10.82
CA PRO A 108 3.86 2.74 10.29
C PRO A 108 4.98 3.07 9.31
N GLN A 109 4.61 3.74 8.21
CA GLN A 109 5.61 4.12 7.22
C GLN A 109 6.70 5.00 7.84
N GLN A 110 6.31 5.91 8.73
CA GLN A 110 7.30 6.78 9.36
C GLN A 110 8.29 5.98 10.19
N ASP A 111 7.80 4.93 10.87
CA ASP A 111 8.70 4.05 11.61
C ASP A 111 9.73 3.42 10.67
N MET A 112 9.31 3.00 9.48
CA MET A 112 10.24 2.35 8.56
C MET A 112 11.22 3.34 7.94
N VAL A 113 10.83 4.62 7.79
CA VAL A 113 11.79 5.63 7.35
C VAL A 113 12.90 5.79 8.39
N ARG A 114 12.55 5.74 9.68
CA ARG A 114 13.55 5.80 10.74
C ARG A 114 14.42 4.54 10.74
N VAL A 115 13.81 3.37 10.54
CA VAL A 115 14.60 2.15 10.49
C VAL A 115 15.57 2.21 9.31
N LYS A 116 15.10 2.65 8.15
CA LYS A 116 15.97 2.72 6.98
C LYS A 116 17.13 3.66 7.22
N HIS A 117 16.91 4.75 7.96
CA HIS A 117 17.99 5.67 8.29
C HIS A 117 19.15 4.93 8.97
N LYS A 118 18.83 4.13 9.98
CA LYS A 118 19.85 3.33 10.67
C LYS A 118 20.44 2.28 9.74
N LEU A 119 19.58 1.56 9.02
CA LEU A 119 20.03 0.51 8.11
C LEU A 119 21.07 1.02 7.12
N LEU A 120 20.83 2.18 6.53
CA LEU A 120 21.70 2.70 5.48
C LEU A 120 23.05 3.14 6.01
N ARG A 121 23.20 3.31 7.32
CA ARG A 121 24.44 3.79 7.92
C ARG A 121 25.24 2.66 8.56
N GLN A 122 24.97 1.42 8.17
CA GLN A 122 25.74 0.29 8.64
C GLN A 122 25.76 -0.76 7.52
N GLU A 123 26.51 -1.83 7.73
CA GLU A 123 26.54 -2.85 6.70
C GLU A 123 26.68 -4.28 7.23
N LYS A 124 26.54 -4.49 8.53
CA LYS A 124 26.54 -5.85 9.07
C LYS A 124 25.21 -6.58 8.84
N THR A 125 24.10 -5.85 8.83
CA THR A 125 22.76 -6.41 8.79
C THR A 125 22.06 -6.07 7.48
N ARG A 126 21.49 -7.09 6.84
CA ARG A 126 20.64 -6.97 5.67
C ARG A 126 19.19 -7.25 6.08
N LEU A 127 18.30 -6.30 5.79
CA LEU A 127 16.88 -6.45 6.09
C LEU A 127 16.10 -6.78 4.82
N ILE A 128 15.29 -7.84 4.89
CA ILE A 128 14.24 -8.11 3.92
C ILE A 128 12.91 -7.78 4.58
N GLY A 129 12.08 -6.99 3.90
CA GLY A 129 10.79 -6.63 4.44
C GLY A 129 10.75 -5.19 4.91
N PRO A 130 9.70 -4.81 5.64
CA PRO A 130 8.65 -5.67 6.22
C PRO A 130 7.52 -6.05 5.27
N ASN A 131 6.43 -6.58 5.81
CA ASN A 131 5.26 -6.98 5.03
C ASN A 131 5.68 -7.90 3.88
N CYS A 132 6.45 -8.93 4.20
CA CYS A 132 7.00 -9.82 3.19
C CYS A 132 6.88 -11.27 3.64
N PRO A 133 6.97 -12.22 2.69
CA PRO A 133 6.88 -13.64 3.04
C PRO A 133 8.19 -14.32 3.35
N GLY A 134 9.32 -13.70 3.00
CA GLY A 134 10.62 -14.24 3.32
C GLY A 134 11.46 -14.64 2.12
N VAL A 135 12.39 -15.57 2.37
CA VAL A 135 13.41 -15.95 1.41
C VAL A 135 13.58 -17.46 1.48
N ILE A 136 13.79 -18.10 0.33
CA ILE A 136 14.02 -19.54 0.28
C ILE A 136 15.09 -19.89 -0.76
N ASN A 137 16.07 -20.69 -0.33
CA ASN A 137 17.04 -21.39 -1.14
C ASN A 137 16.57 -22.84 -1.17
N PRO A 138 15.86 -23.28 -2.21
CA PRO A 138 15.15 -24.57 -2.13
C PRO A 138 16.07 -25.72 -1.77
N GLY A 139 15.66 -26.48 -0.74
CA GLY A 139 16.42 -27.61 -0.26
C GLY A 139 17.55 -27.26 0.68
N GLU A 140 17.83 -25.98 0.88
CA GLU A 140 18.87 -25.57 1.82
C GLU A 140 18.33 -24.75 2.98
N CYS A 141 17.49 -23.75 2.73
CA CYS A 141 17.01 -22.91 3.83
C CYS A 141 15.75 -22.16 3.43
N LYS A 142 14.74 -22.18 4.29
CA LYS A 142 13.50 -21.44 4.11
C LYS A 142 13.27 -20.58 5.35
N ILE A 143 13.15 -19.27 5.16
CA ILE A 143 12.88 -18.32 6.25
C ILE A 143 11.61 -17.57 5.89
N GLY A 144 10.54 -17.84 6.61
CA GLY A 144 9.30 -17.14 6.36
C GLY A 144 8.10 -18.07 6.24
N ILE A 145 7.11 -17.66 5.44
CA ILE A 145 5.78 -18.27 5.48
C ILE A 145 5.43 -19.00 4.20
N MET A 146 6.36 -19.12 3.26
CA MET A 146 6.02 -19.74 1.99
C MET A 146 5.95 -21.27 2.12
N PRO A 147 5.18 -21.92 1.24
CA PRO A 147 5.14 -23.39 1.23
C PRO A 147 6.37 -23.96 0.52
N GLY A 148 7.18 -24.71 1.27
CA GLY A 148 8.42 -25.22 0.70
C GLY A 148 8.23 -26.26 -0.39
N HIS A 149 7.12 -26.99 -0.35
CA HIS A 149 7.02 -28.19 -1.18
C HIS A 149 6.90 -27.90 -2.66
N ILE A 150 6.35 -26.73 -3.03
CA ILE A 150 6.21 -26.42 -4.46
C ILE A 150 7.52 -25.98 -5.10
N HIS A 151 8.54 -25.68 -4.29
CA HIS A 151 9.85 -25.26 -4.80
C HIS A 151 10.69 -26.48 -5.14
N LYS A 152 11.55 -26.32 -6.13
CA LYS A 152 12.56 -27.30 -6.49
C LYS A 152 13.84 -26.59 -6.86
N LYS A 153 14.96 -27.00 -6.27
CA LYS A 153 16.23 -26.34 -6.54
C LYS A 153 16.51 -26.38 -8.04
N GLY A 154 16.82 -25.23 -8.61
CA GLY A 154 17.05 -25.10 -10.02
C GLY A 154 17.72 -23.79 -10.40
N ARG A 155 17.26 -23.21 -11.51
CA ARG A 155 18.06 -22.26 -12.27
C ARG A 155 17.51 -20.85 -12.28
N ILE A 156 16.33 -20.59 -11.74
CA ILE A 156 15.67 -19.30 -11.87
C ILE A 156 15.71 -18.56 -10.54
N GLY A 157 16.23 -17.33 -10.56
CA GLY A 157 16.15 -16.46 -9.40
C GLY A 157 14.89 -15.62 -9.50
N ILE A 158 14.15 -15.55 -8.40
CA ILE A 158 12.88 -14.83 -8.38
C ILE A 158 12.94 -13.76 -7.29
N VAL A 159 12.55 -12.54 -7.66
CA VAL A 159 12.39 -11.44 -6.72
C VAL A 159 11.01 -10.81 -6.95
N SER A 160 10.29 -10.57 -5.86
CA SER A 160 8.87 -10.27 -5.97
C SER A 160 8.39 -9.38 -4.83
N ARG A 161 7.50 -8.45 -5.16
CA ARG A 161 6.79 -7.68 -4.15
C ARG A 161 5.55 -8.42 -3.62
N SER A 162 5.27 -9.63 -4.10
CA SER A 162 4.08 -10.37 -3.72
C SER A 162 4.33 -11.86 -3.57
N GLY A 163 3.94 -12.40 -2.40
CA GLY A 163 4.12 -13.83 -2.17
C GLY A 163 3.22 -14.70 -3.02
N THR A 164 1.95 -14.31 -3.20
CA THR A 164 1.04 -15.11 -4.01
C THR A 164 1.50 -15.18 -5.45
N LEU A 165 2.01 -14.07 -6.00
CA LEU A 165 2.52 -14.12 -7.36
C LEU A 165 3.81 -14.94 -7.44
N THR A 166 4.64 -14.89 -6.40
CA THR A 166 5.79 -15.79 -6.38
C THR A 166 5.35 -17.24 -6.47
N TYR A 167 4.32 -17.61 -5.71
CA TYR A 167 3.86 -19.00 -5.71
C TYR A 167 3.43 -19.42 -7.12
N GLU A 168 2.76 -18.52 -7.85
CA GLU A 168 2.44 -18.81 -9.25
C GLU A 168 3.71 -19.06 -10.05
N ALA A 169 4.68 -18.15 -9.94
CA ALA A 169 5.91 -18.28 -10.70
C ALA A 169 6.65 -19.56 -10.33
N VAL A 170 6.67 -19.89 -9.04
CA VAL A 170 7.37 -21.09 -8.58
C VAL A 170 6.69 -22.33 -9.13
N HIS A 171 5.38 -22.44 -8.96
CA HIS A 171 4.67 -23.61 -9.48
C HIS A 171 4.87 -23.75 -10.98
N GLN A 172 4.74 -22.64 -11.71
CA GLN A 172 4.85 -22.70 -13.17
C GLN A 172 6.24 -23.13 -13.62
N THR A 173 7.29 -22.67 -12.91
CA THR A 173 8.64 -23.04 -13.30
C THR A 173 9.05 -24.42 -12.82
N THR A 174 8.41 -24.95 -11.76
CA THR A 174 8.66 -26.34 -11.42
C THR A 174 7.96 -27.27 -12.42
N GLN A 175 6.73 -26.92 -12.82
CA GLN A 175 5.99 -27.76 -13.75
C GLN A 175 6.74 -28.02 -15.05
N VAL A 176 7.45 -27.01 -15.55
CA VAL A 176 8.10 -27.15 -16.86
C VAL A 176 9.54 -27.60 -16.70
N GLY A 177 9.94 -27.92 -15.46
CA GLY A 177 11.21 -28.56 -15.19
C GLY A 177 12.37 -27.65 -14.85
N LEU A 178 12.14 -26.37 -14.58
CA LEU A 178 13.24 -25.43 -14.47
C LEU A 178 13.78 -25.24 -13.05
N GLY A 179 12.90 -25.03 -12.07
CA GLY A 179 13.32 -24.87 -10.70
C GLY A 179 13.86 -23.48 -10.37
N GLN A 180 14.17 -23.28 -9.08
CA GLN A 180 14.54 -21.99 -8.53
C GLN A 180 15.87 -22.04 -7.81
N SER A 181 16.69 -21.02 -8.02
CA SER A 181 17.97 -20.91 -7.34
C SER A 181 17.78 -20.27 -5.97
N LEU A 182 17.08 -19.14 -5.94
CA LEU A 182 16.86 -18.36 -4.73
C LEU A 182 15.63 -17.50 -4.99
N CYS A 183 14.71 -17.49 -4.04
CA CYS A 183 13.49 -16.69 -4.15
C CYS A 183 13.45 -15.70 -3.00
N VAL A 184 13.36 -14.41 -3.33
CA VAL A 184 13.34 -13.35 -2.33
C VAL A 184 12.02 -12.58 -2.46
N GLY A 185 11.23 -12.57 -1.39
CA GLY A 185 10.04 -11.76 -1.34
C GLY A 185 10.33 -10.47 -0.62
N ILE A 186 10.52 -9.38 -1.37
CA ILE A 186 10.86 -8.10 -0.77
C ILE A 186 9.66 -7.40 -0.14
N GLY A 187 8.46 -7.91 -0.36
CA GLY A 187 7.29 -7.43 0.36
C GLY A 187 6.59 -6.26 -0.30
N GLY A 188 5.48 -5.86 0.31
CA GLY A 188 4.58 -4.90 -0.28
C GLY A 188 4.60 -3.51 0.32
N ASP A 189 5.56 -3.18 1.19
CA ASP A 189 5.57 -1.87 1.81
C ASP A 189 6.43 -0.89 1.02
N PRO A 190 6.19 0.40 1.20
CA PRO A 190 6.89 1.40 0.39
C PRO A 190 8.32 1.66 0.83
N PHE A 191 8.61 1.48 2.13
CA PHE A 191 9.93 1.66 2.69
C PHE A 191 10.36 0.35 3.36
N ASN A 192 11.40 -0.26 2.79
CA ASN A 192 11.79 -1.61 3.15
C ASN A 192 13.30 -1.75 2.98
N GLY A 193 13.82 -2.92 3.37
CA GLY A 193 15.27 -3.08 3.47
C GLY A 193 15.97 -3.58 2.23
N THR A 194 15.24 -4.13 1.27
CA THR A 194 15.83 -4.74 0.07
C THR A 194 14.93 -4.43 -1.13
N ASP A 195 15.54 -3.95 -2.22
CA ASP A 195 14.81 -3.64 -3.45
C ASP A 195 15.14 -4.63 -4.56
N PHE A 196 14.65 -4.37 -5.77
CA PHE A 196 14.90 -5.30 -6.86
C PHE A 196 16.40 -5.31 -7.21
N ILE A 197 17.04 -4.15 -7.24
CA ILE A 197 18.44 -4.08 -7.65
C ILE A 197 19.30 -4.92 -6.72
N ASP A 198 19.03 -4.85 -5.42
CA ASP A 198 19.78 -5.64 -4.45
C ASP A 198 19.80 -7.11 -4.85
N CYS A 199 18.64 -7.63 -5.23
CA CYS A 199 18.53 -9.03 -5.62
C CYS A 199 19.12 -9.27 -7.00
N LEU A 200 18.92 -8.34 -7.93
CA LEU A 200 19.48 -8.50 -9.27
C LEU A 200 21.00 -8.61 -9.22
N GLU A 201 21.65 -7.79 -8.38
CA GLU A 201 23.09 -7.91 -8.20
C GLU A 201 23.48 -9.34 -7.85
N ILE A 202 22.80 -9.91 -6.85
CA ILE A 202 23.12 -11.27 -6.42
C ILE A 202 22.85 -12.26 -7.54
N PHE A 203 21.71 -12.13 -8.22
CA PHE A 203 21.35 -13.07 -9.27
C PHE A 203 22.33 -13.02 -10.44
N LEU A 204 22.73 -11.82 -10.84
CA LEU A 204 23.61 -11.72 -12.00
C LEU A 204 25.00 -12.27 -11.72
N ASN A 205 25.41 -12.29 -10.45
CA ASN A 205 26.73 -12.78 -10.08
C ASN A 205 26.71 -14.21 -9.56
N ASP A 206 25.53 -14.84 -9.50
CA ASP A 206 25.39 -16.21 -9.01
C ASP A 206 25.42 -17.17 -10.20
N SER A 207 26.45 -18.01 -10.25
CA SER A 207 26.54 -18.98 -11.34
C SER A 207 25.35 -19.94 -11.37
N ALA A 208 24.73 -20.20 -10.21
CA ALA A 208 23.57 -21.09 -10.17
C ALA A 208 22.32 -20.47 -10.77
N THR A 209 22.29 -19.14 -10.91
CA THR A 209 21.13 -18.43 -11.44
C THR A 209 21.38 -18.19 -12.92
N GLU A 210 20.60 -18.85 -13.75
CA GLU A 210 20.74 -18.72 -15.20
C GLU A 210 19.68 -17.81 -15.81
N GLY A 211 18.60 -17.53 -15.10
CA GLY A 211 17.56 -16.65 -15.58
C GLY A 211 16.86 -16.05 -14.38
N ILE A 212 16.08 -15.01 -14.63
CA ILE A 212 15.51 -14.21 -13.55
C ILE A 212 14.04 -13.92 -13.83
N ILE A 213 13.22 -14.00 -12.78
CA ILE A 213 11.84 -13.51 -12.81
C ILE A 213 11.72 -12.38 -11.80
N LEU A 214 11.28 -11.22 -12.29
CA LEU A 214 11.06 -10.02 -11.48
C LEU A 214 9.56 -9.75 -11.46
N ILE A 215 8.95 -9.80 -10.28
CA ILE A 215 7.52 -9.61 -10.12
C ILE A 215 7.30 -8.31 -9.37
N GLY A 216 6.62 -7.38 -10.01
CA GLY A 216 6.36 -6.08 -9.41
C GLY A 216 4.90 -5.72 -9.45
N GLU A 217 4.60 -4.46 -9.15
CA GLU A 217 3.24 -3.97 -9.08
C GLU A 217 3.30 -2.45 -9.11
N ILE A 218 2.10 -1.84 -9.06
CA ILE A 218 2.02 -0.39 -9.04
C ILE A 218 2.70 0.17 -7.79
N GLY A 219 3.02 1.46 -7.87
CA GLY A 219 3.56 2.16 -6.73
C GLY A 219 5.07 2.29 -6.75
N GLY A 220 5.57 3.48 -6.39
CA GLY A 220 7.00 3.69 -6.33
C GLY A 220 7.68 3.67 -7.68
N ASN A 221 9.02 3.60 -7.63
CA ASN A 221 9.85 3.63 -8.83
C ASN A 221 10.90 2.51 -8.82
N ALA A 222 10.74 1.49 -7.98
CA ALA A 222 11.77 0.47 -7.88
C ALA A 222 11.93 -0.34 -9.17
N GLU A 223 10.81 -0.62 -9.85
CA GLU A 223 10.88 -1.35 -11.12
C GLU A 223 11.62 -0.54 -12.18
N GLU A 224 11.35 0.76 -12.26
CA GLU A 224 12.06 1.63 -13.19
C GLU A 224 13.55 1.69 -12.85
N ASN A 225 13.89 1.79 -11.56
CA ASN A 225 15.29 1.76 -11.17
C ASN A 225 15.94 0.44 -11.58
N ALA A 226 15.22 -0.67 -11.41
CA ALA A 226 15.75 -1.97 -11.83
C ALA A 226 16.01 -2.00 -13.32
N ALA A 227 15.09 -1.45 -14.10
CA ALA A 227 15.27 -1.38 -15.55
C ALA A 227 16.59 -0.69 -15.90
N GLU A 228 16.85 0.45 -15.27
CA GLU A 228 18.09 1.17 -15.55
C GLU A 228 19.31 0.35 -15.14
N PHE A 229 19.24 -0.30 -13.98
CA PHE A 229 20.31 -1.21 -13.56
C PHE A 229 20.54 -2.28 -14.62
N LEU A 230 19.47 -2.85 -15.17
CA LEU A 230 19.63 -3.92 -16.15
C LEU A 230 20.23 -3.42 -17.46
N LYS A 231 19.85 -2.21 -17.89
CA LYS A 231 20.52 -1.60 -19.04
C LYS A 231 22.02 -1.50 -18.83
N GLN A 232 22.44 -1.18 -17.60
CA GLN A 232 23.86 -0.94 -17.33
C GLN A 232 24.64 -2.24 -17.13
N HIS A 233 24.03 -3.25 -16.52
CA HIS A 233 24.76 -4.42 -16.06
C HIS A 233 24.33 -5.73 -16.69
N ASN A 234 23.31 -5.74 -17.55
CA ASN A 234 22.83 -6.98 -18.14
C ASN A 234 22.55 -6.83 -19.63
N SER A 235 23.28 -5.95 -20.31
CA SER A 235 22.98 -5.61 -21.70
C SER A 235 24.10 -5.97 -22.66
N GLY A 236 25.15 -6.62 -22.18
CA GLY A 236 26.26 -7.03 -23.01
C GLY A 236 26.56 -8.51 -22.83
N PRO A 237 27.85 -8.87 -22.86
CA PRO A 237 28.18 -10.30 -22.81
C PRO A 237 27.73 -10.94 -21.50
N ASN A 238 27.49 -12.25 -21.57
CA ASN A 238 27.07 -13.04 -20.42
C ASN A 238 25.78 -12.52 -19.79
N SER A 239 24.94 -11.87 -20.59
CA SER A 239 23.64 -11.44 -20.09
C SER A 239 22.80 -12.66 -19.71
N LYS A 240 21.82 -12.43 -18.84
CA LYS A 240 20.90 -13.46 -18.46
C LYS A 240 19.47 -13.06 -18.82
N PRO A 241 18.64 -13.99 -19.28
CA PRO A 241 17.25 -13.66 -19.59
C PRO A 241 16.50 -13.24 -18.33
N VAL A 242 15.66 -12.22 -18.49
CA VAL A 242 14.84 -11.70 -17.41
C VAL A 242 13.40 -11.62 -17.91
N VAL A 243 12.48 -12.18 -17.13
CA VAL A 243 11.05 -12.15 -17.39
C VAL A 243 10.37 -11.45 -16.23
N SER A 244 9.27 -10.75 -16.51
CA SER A 244 8.61 -9.96 -15.49
C SER A 244 7.11 -10.00 -15.68
N PHE A 245 6.38 -9.82 -14.58
CA PHE A 245 4.98 -9.50 -14.58
C PHE A 245 4.77 -8.35 -13.61
N ILE A 246 3.95 -7.37 -14.01
CA ILE A 246 3.66 -6.19 -13.20
C ILE A 246 2.16 -6.15 -12.92
N ALA A 247 1.80 -6.26 -11.65
CA ALA A 247 0.40 -6.25 -11.26
C ALA A 247 -0.14 -4.82 -11.16
N GLY A 248 -1.43 -4.67 -11.44
CA GLY A 248 -2.11 -3.42 -11.26
C GLY A 248 -2.49 -2.66 -12.52
N LEU A 249 -2.48 -3.30 -13.68
CA LEU A 249 -2.94 -2.64 -14.90
C LEU A 249 -4.33 -2.05 -14.73
N THR A 250 -5.20 -2.71 -13.97
CA THR A 250 -6.57 -2.27 -13.79
C THR A 250 -6.79 -1.46 -12.52
N ALA A 251 -5.73 -1.11 -11.80
CA ALA A 251 -5.91 -0.39 -10.54
C ALA A 251 -6.36 1.05 -10.78
N PRO A 252 -7.31 1.54 -9.99
CA PRO A 252 -7.70 2.96 -10.09
C PRO A 252 -6.64 3.83 -9.42
N PRO A 253 -6.56 5.10 -9.80
CA PRO A 253 -5.58 5.98 -9.17
C PRO A 253 -5.97 6.36 -7.75
N GLY A 254 -4.96 6.60 -6.92
CA GLY A 254 -5.15 7.15 -5.60
C GLY A 254 -5.68 6.19 -4.56
N ARG A 255 -5.66 4.89 -4.81
CA ARG A 255 -6.14 3.90 -3.85
C ARG A 255 -5.04 2.89 -3.53
N ARG A 256 -4.91 2.55 -2.26
CA ARG A 256 -3.93 1.55 -1.84
C ARG A 256 -4.53 0.16 -2.04
N MET A 257 -3.92 -0.61 -2.94
CA MET A 257 -4.46 -1.90 -3.37
C MET A 257 -3.92 -3.00 -2.45
N GLY A 258 -4.45 -2.99 -1.23
CA GLY A 258 -4.03 -3.95 -0.22
C GLY A 258 -2.70 -3.59 0.38
N HIS A 259 -1.63 -3.88 -0.37
CA HIS A 259 -0.29 -3.49 0.02
C HIS A 259 -0.20 -1.99 0.25
N ALA A 260 0.43 -1.60 1.35
CA ALA A 260 0.65 -0.18 1.62
C ALA A 260 1.38 0.52 0.49
N GLY A 261 2.26 -0.18 -0.23
CA GLY A 261 3.05 0.42 -1.27
C GLY A 261 2.45 0.45 -2.65
N ALA A 262 1.24 -0.10 -2.79
CA ALA A 262 0.62 -0.31 -4.10
C ALA A 262 -0.43 0.79 -4.34
N ILE A 263 0.05 1.94 -4.81
CA ILE A 263 -0.80 3.09 -5.03
C ILE A 263 -0.22 3.94 -6.15
N ILE A 264 -1.09 4.37 -7.05
CA ILE A 264 -0.77 5.36 -8.07
C ILE A 264 -1.09 6.72 -7.45
N ALA A 265 -0.05 7.51 -7.16
CA ALA A 265 -0.17 8.73 -6.38
C ALA A 265 0.36 9.90 -7.20
N GLY A 266 -0.43 10.95 -7.30
CA GLY A 266 -0.01 12.10 -8.09
C GLY A 266 0.43 11.72 -9.48
N GLY A 267 -0.26 10.76 -10.09
CA GLY A 267 0.03 10.34 -11.45
C GLY A 267 1.25 9.47 -11.62
N LYS A 268 1.89 9.06 -10.52
CA LYS A 268 3.11 8.27 -10.57
C LYS A 268 2.84 6.90 -10.00
N GLY A 269 3.48 5.89 -10.58
CA GLY A 269 3.41 4.54 -10.08
C GLY A 269 2.59 3.56 -10.89
N GLY A 270 2.11 3.96 -12.06
CA GLY A 270 1.28 3.09 -12.86
C GLY A 270 2.04 1.92 -13.46
N ALA A 271 1.28 0.87 -13.78
CA ALA A 271 1.87 -0.36 -14.29
C ALA A 271 2.42 -0.19 -15.72
N LYS A 272 1.70 0.57 -16.56
CA LYS A 272 2.12 0.68 -17.97
C LYS A 272 3.53 1.22 -18.08
N GLU A 273 3.88 2.22 -17.28
CA GLU A 273 5.20 2.83 -17.36
C GLU A 273 6.28 1.86 -16.90
N LYS A 274 5.97 1.03 -15.90
CA LYS A 274 6.92 0.02 -15.43
C LYS A 274 7.16 -1.05 -16.47
N ILE A 275 6.07 -1.52 -17.11
CA ILE A 275 6.21 -2.50 -18.19
C ILE A 275 7.08 -1.95 -19.30
N SER A 276 6.82 -0.70 -19.72
CA SER A 276 7.59 -0.12 -20.81
C SER A 276 9.06 0.05 -20.43
N ALA A 277 9.32 0.53 -19.21
CA ALA A 277 10.70 0.67 -18.76
C ALA A 277 11.43 -0.66 -18.78
N LEU A 278 10.80 -1.71 -18.25
CA LEU A 278 11.44 -3.02 -18.22
C LEU A 278 11.66 -3.57 -19.62
N GLN A 279 10.67 -3.41 -20.51
CA GLN A 279 10.84 -3.87 -21.89
C GLN A 279 12.05 -3.21 -22.55
N SER A 280 12.27 -1.92 -22.28
CA SER A 280 13.38 -1.20 -22.88
C SER A 280 14.73 -1.67 -22.35
N ALA A 281 14.73 -2.39 -21.23
CA ALA A 281 15.94 -2.95 -20.65
C ALA A 281 16.15 -4.40 -21.04
N GLY A 282 15.37 -4.91 -22.00
CA GLY A 282 15.51 -6.27 -22.46
C GLY A 282 14.65 -7.28 -21.76
N VAL A 283 13.85 -6.85 -20.78
CA VAL A 283 13.01 -7.78 -20.04
C VAL A 283 11.85 -8.20 -20.92
N VAL A 284 11.53 -9.49 -20.89
CA VAL A 284 10.34 -10.03 -21.54
C VAL A 284 9.23 -9.95 -20.51
N VAL A 285 8.30 -9.03 -20.69
CA VAL A 285 7.19 -8.87 -19.76
C VAL A 285 6.04 -9.77 -20.20
N SER A 286 5.69 -10.71 -19.34
CA SER A 286 4.49 -11.52 -19.53
C SER A 286 3.28 -10.67 -19.15
N MET A 287 2.36 -10.47 -20.09
CA MET A 287 1.19 -9.66 -19.77
C MET A 287 0.28 -10.41 -18.79
N SER A 288 0.27 -11.74 -18.85
CA SER A 288 -0.55 -12.55 -17.96
C SER A 288 0.28 -13.17 -16.84
N PRO A 289 -0.26 -13.15 -15.62
CA PRO A 289 0.42 -13.83 -14.50
C PRO A 289 0.44 -15.34 -14.64
N ALA A 290 -0.37 -15.90 -15.54
CA ALA A 290 -0.43 -17.34 -15.74
C ALA A 290 0.67 -17.85 -16.64
N GLN A 291 1.44 -16.98 -17.29
CA GLN A 291 2.40 -17.40 -18.31
C GLN A 291 3.85 -17.11 -17.95
N LEU A 292 4.17 -16.89 -16.68
CA LEU A 292 5.56 -16.63 -16.32
C LEU A 292 6.47 -17.81 -16.65
N GLY A 293 6.04 -19.03 -16.30
CA GLY A 293 6.89 -20.18 -16.54
C GLY A 293 7.11 -20.47 -18.01
N THR A 294 6.05 -20.41 -18.82
CA THR A 294 6.23 -20.64 -20.25
C THR A 294 7.07 -19.52 -20.88
N THR A 295 6.91 -18.29 -20.41
CA THR A 295 7.67 -17.19 -20.99
C THR A 295 9.17 -17.37 -20.72
N ILE A 296 9.55 -17.68 -19.48
CA ILE A 296 10.96 -17.87 -19.22
C ILE A 296 11.47 -19.16 -19.87
N TYR A 297 10.64 -20.19 -19.96
CA TYR A 297 11.07 -21.41 -20.63
C TYR A 297 11.45 -21.10 -22.08
N LYS A 298 10.63 -20.32 -22.77
CA LYS A 298 10.92 -19.98 -24.16
C LYS A 298 12.21 -19.18 -24.28
N GLU A 299 12.51 -18.32 -23.29
CA GLU A 299 13.76 -17.57 -23.34
C GLU A 299 14.97 -18.49 -23.19
N PHE A 300 14.87 -19.51 -22.33
CA PHE A 300 15.91 -20.52 -22.26
C PHE A 300 16.07 -21.25 -23.59
N GLU A 301 14.95 -21.60 -24.23
CA GLU A 301 15.01 -22.29 -25.52
C GLU A 301 15.76 -21.45 -26.54
N LYS A 302 15.45 -20.16 -26.62
CA LYS A 302 16.10 -19.30 -27.61
C LYS A 302 17.61 -19.25 -27.42
N ARG A 303 18.07 -19.36 -26.17
CA ARG A 303 19.49 -19.31 -25.85
C ARG A 303 20.11 -20.69 -25.82
N LYS A 304 19.38 -21.71 -26.25
CA LYS A 304 19.85 -23.09 -26.27
C LYS A 304 20.34 -23.50 -24.89
N MET A 305 19.53 -23.20 -23.88
CA MET A 305 19.87 -23.43 -22.49
C MET A 305 19.18 -24.66 -21.90
N LEU A 306 18.57 -25.50 -22.73
CA LEU A 306 17.83 -26.65 -22.23
C LEU A 306 18.51 -27.95 -22.63
N GLU A 307 18.09 -29.02 -21.96
CA GLU A 307 18.58 -30.38 -22.20
C GLU A 307 20.04 -30.43 -22.62
N MET B 1 -8.76 7.36 5.02
N MET B 1 -8.96 7.23 4.80
CA MET B 1 -9.73 8.21 5.75
CA MET B 1 -9.78 8.17 5.62
C MET B 1 -9.70 9.65 5.23
C MET B 1 -9.83 9.55 4.99
N ASN B 2 -10.81 10.35 5.40
CA ASN B 2 -10.98 11.71 4.92
C ASN B 2 -11.46 12.62 6.03
N LEU B 3 -10.99 13.86 6.02
CA LEU B 3 -11.44 14.88 6.95
C LEU B 3 -12.22 15.94 6.18
N GLN B 4 -13.28 16.45 6.80
CA GLN B 4 -13.94 17.65 6.31
C GLN B 4 -12.98 18.84 6.37
N GLU B 5 -13.25 19.84 5.54
CA GLU B 5 -12.46 21.07 5.52
C GLU B 5 -12.28 21.65 6.92
N TYR B 6 -13.35 21.73 7.70
CA TYR B 6 -13.19 22.33 9.03
C TYR B 6 -12.31 21.49 9.93
N GLN B 7 -12.29 20.17 9.72
CA GLN B 7 -11.50 19.29 10.56
C GLN B 7 -10.01 19.41 10.24
N SER B 8 -9.67 19.41 8.94
CA SER B 8 -8.27 19.56 8.56
C SER B 8 -7.75 20.96 8.90
N LYS B 9 -8.57 21.99 8.74
CA LYS B 9 -8.11 23.34 9.06
C LYS B 9 -7.91 23.52 10.56
N LYS B 10 -8.78 22.92 11.38
CA LYS B 10 -8.55 22.99 12.82
C LYS B 10 -7.30 22.21 13.22
N LEU B 11 -7.09 21.03 12.64
CA LEU B 11 -5.88 20.27 12.95
C LEU B 11 -4.64 21.07 12.63
N MET B 12 -4.62 21.76 11.49
CA MET B 12 -3.49 22.60 11.13
C MET B 12 -3.35 23.76 12.09
N SER B 13 -4.45 24.45 12.39
CA SER B 13 -4.41 25.61 13.26
C SER B 13 -3.93 25.23 14.66
N ASP B 14 -4.37 24.07 15.15
CA ASP B 14 -3.94 23.60 16.46
C ASP B 14 -2.46 23.34 16.52
N ASN B 15 -1.80 23.24 15.37
CA ASN B 15 -0.37 22.99 15.28
C ASN B 15 0.39 24.18 14.72
N GLY B 16 -0.18 25.38 14.86
CA GLY B 16 0.54 26.59 14.55
C GLY B 16 0.50 27.02 13.12
N VAL B 17 -0.22 26.31 12.28
CA VAL B 17 -0.31 26.68 10.87
C VAL B 17 -1.36 27.77 10.72
N ARG B 18 -1.08 28.77 9.90
CA ARG B 18 -1.98 29.89 9.74
C ARG B 18 -3.04 29.55 8.70
N VAL B 19 -4.30 29.56 9.11
CA VAL B 19 -5.44 29.36 8.23
C VAL B 19 -6.42 30.49 8.49
N GLN B 20 -7.44 30.58 7.63
CA GLN B 20 -8.46 31.61 7.80
C GLN B 20 -9.20 31.39 9.12
N ARG B 21 -9.59 32.50 9.76
CA ARG B 21 -10.46 32.43 10.92
C ARG B 21 -11.80 31.84 10.55
N PHE B 22 -12.32 30.94 11.40
CA PHE B 22 -13.62 30.35 11.11
C PHE B 22 -14.22 29.71 12.34
N PHE B 23 -15.53 29.47 12.25
CA PHE B 23 -16.28 28.65 13.17
C PHE B 23 -17.09 27.64 12.37
N VAL B 24 -17.53 26.59 13.05
CA VAL B 24 -18.38 25.56 12.48
C VAL B 24 -19.73 25.66 13.17
N ALA B 25 -20.80 25.43 12.41
CA ALA B 25 -22.15 25.53 12.96
C ALA B 25 -23.01 24.41 12.41
N ASP B 26 -23.89 23.88 13.26
CA ASP B 26 -24.81 22.82 12.87
C ASP B 26 -26.27 23.28 12.91
N THR B 27 -26.51 24.58 13.07
CA THR B 27 -27.85 25.14 12.93
C THR B 27 -27.72 26.52 12.31
N ALA B 28 -28.80 26.99 11.68
CA ALA B 28 -28.80 28.32 11.10
C ALA B 28 -28.53 29.39 12.15
N ASN B 29 -29.11 29.24 13.35
CA ASN B 29 -28.88 30.27 14.36
C ASN B 29 -27.42 30.29 14.79
N GLU B 30 -26.79 29.11 14.88
CA GLU B 30 -25.37 29.06 15.23
C GLU B 30 -24.51 29.65 14.12
N ALA B 31 -24.91 29.49 12.85
CA ALA B 31 -24.19 30.15 11.77
C ALA B 31 -24.31 31.66 11.87
N LEU B 32 -25.51 32.15 12.21
CA LEU B 32 -25.71 33.57 12.46
C LEU B 32 -24.76 34.08 13.54
N GLU B 33 -24.80 33.44 14.71
CA GLU B 33 -23.96 33.88 15.82
C GLU B 33 -22.48 33.81 15.45
N ALA B 34 -22.07 32.73 14.78
CA ALA B 34 -20.68 32.63 14.35
C ALA B 34 -20.28 33.80 13.45
N ALA B 35 -21.17 34.19 12.52
CA ALA B 35 -20.83 35.27 11.61
C ALA B 35 -20.60 36.57 12.36
N LYS B 36 -21.37 36.80 13.42
CA LYS B 36 -21.21 38.03 14.19
C LYS B 36 -19.90 38.00 14.99
N ARG B 37 -19.49 36.83 15.48
CA ARG B 37 -18.27 36.75 16.26
C ARG B 37 -17.04 37.04 15.42
N LEU B 38 -17.07 36.74 14.13
CA LEU B 38 -15.89 36.98 13.29
C LEU B 38 -15.57 38.46 13.17
N ASN B 39 -16.59 39.31 13.20
CA ASN B 39 -16.42 40.74 12.99
C ASN B 39 -15.49 41.01 11.80
N ALA B 40 -15.77 40.30 10.71
CA ALA B 40 -14.96 40.37 9.50
C ALA B 40 -15.63 41.26 8.46
N LYS B 41 -14.81 41.88 7.62
CA LYS B 41 -15.35 42.69 6.53
C LYS B 41 -16.21 41.85 5.61
N GLU B 42 -15.73 40.66 5.25
CA GLU B 42 -16.47 39.74 4.39
C GLU B 42 -16.42 38.34 4.98
N ILE B 43 -17.55 37.64 4.85
CA ILE B 43 -17.74 36.32 5.42
C ILE B 43 -18.00 35.35 4.29
N VAL B 44 -17.47 34.13 4.41
CA VAL B 44 -17.76 33.05 3.48
C VAL B 44 -18.46 31.93 4.25
N LEU B 45 -19.55 31.44 3.68
CA LEU B 45 -20.35 30.33 4.20
C LEU B 45 -20.13 29.14 3.29
N LYS B 46 -19.70 28.01 3.85
CA LYS B 46 -19.35 26.86 3.04
C LYS B 46 -19.97 25.60 3.61
N ALA B 47 -20.78 24.92 2.82
CA ALA B 47 -21.31 23.62 3.21
C ALA B 47 -20.17 22.62 3.34
N GLN B 48 -20.25 21.78 4.38
CA GLN B 48 -19.19 20.81 4.65
C GLN B 48 -19.59 19.44 4.10
N ILE B 49 -19.05 19.12 2.92
CA ILE B 49 -19.08 17.76 2.38
C ILE B 49 -17.70 17.49 1.82
N LEU B 50 -17.39 16.21 1.64
CA LEU B 50 -16.07 15.82 1.16
C LEU B 50 -15.94 15.97 -0.34
N ALA B 51 -17.00 15.68 -1.09
CA ALA B 51 -16.95 15.73 -2.54
C ALA B 51 -16.63 17.13 -3.02
N GLY B 52 -16.02 17.20 -4.21
CA GLY B 52 -15.69 18.47 -4.81
C GLY B 52 -16.86 19.08 -5.55
N GLY B 53 -16.64 20.30 -6.03
CA GLY B 53 -17.63 21.00 -6.83
C GLY B 53 -18.73 21.65 -6.03
N ARG B 54 -18.48 21.98 -4.76
CA ARG B 54 -19.52 22.58 -3.93
C ARG B 54 -19.99 23.91 -4.52
N GLY B 55 -19.07 24.67 -5.14
CA GLY B 55 -19.43 25.98 -5.64
C GLY B 55 -20.58 25.95 -6.62
N LYS B 56 -20.63 24.95 -7.49
CA LYS B 56 -21.65 24.85 -8.52
C LYS B 56 -22.75 23.85 -8.16
N GLY B 57 -22.77 23.38 -6.93
CA GLY B 57 -23.76 22.41 -6.52
C GLY B 57 -25.12 23.01 -6.28
N VAL B 58 -26.10 22.15 -6.04
CA VAL B 58 -27.46 22.56 -5.75
C VAL B 58 -28.00 21.74 -4.59
N PHE B 59 -28.63 22.43 -3.62
CA PHE B 59 -29.28 21.76 -2.51
C PHE B 59 -30.70 21.35 -2.90
N ASN B 60 -31.22 20.30 -2.25
CA ASN B 60 -32.59 19.90 -2.52
C ASN B 60 -33.61 20.79 -1.79
N SER B 61 -33.13 21.86 -1.15
CA SER B 61 -33.97 22.98 -0.79
C SER B 61 -34.29 23.89 -1.98
N GLY B 62 -33.53 23.75 -3.07
CA GLY B 62 -33.60 24.65 -4.20
C GLY B 62 -32.48 25.67 -4.25
N LEU B 63 -31.74 25.85 -3.16
CA LEU B 63 -30.67 26.82 -3.13
C LEU B 63 -29.52 26.39 -4.04
N LYS B 64 -29.05 27.31 -4.87
CA LYS B 64 -27.91 27.08 -5.73
C LYS B 64 -26.63 27.54 -5.03
N GLY B 65 -25.64 26.67 -4.99
CA GLY B 65 -24.31 27.03 -4.53
C GLY B 65 -24.00 26.65 -3.10
N GLY B 66 -22.95 25.86 -2.90
CA GLY B 66 -22.53 25.49 -1.57
C GLY B 66 -21.57 26.44 -0.90
N VAL B 67 -21.16 27.52 -1.59
CA VAL B 67 -20.24 28.51 -1.06
C VAL B 67 -20.79 29.89 -1.37
N HIS B 68 -21.02 30.68 -0.33
CA HIS B 68 -21.62 32.00 -0.48
C HIS B 68 -20.82 33.04 0.29
N LEU B 69 -20.65 34.20 -0.34
CA LEU B 69 -19.99 35.34 0.27
C LEU B 69 -21.02 36.40 0.67
N THR B 70 -20.80 37.02 1.82
CA THR B 70 -21.67 38.12 2.24
C THR B 70 -20.94 38.94 3.30
N LYS B 71 -21.35 40.20 3.43
CA LYS B 71 -20.90 41.03 4.54
C LYS B 71 -21.91 41.06 5.68
N ASP B 72 -23.11 40.52 5.47
CA ASP B 72 -24.19 40.63 6.44
C ASP B 72 -24.34 39.33 7.22
N PRO B 73 -24.08 39.30 8.52
CA PRO B 73 -24.29 38.06 9.28
C PRO B 73 -25.70 37.52 9.21
N ASN B 74 -26.71 38.39 9.06
CA ASN B 74 -28.09 37.90 8.97
C ASN B 74 -28.28 37.09 7.69
N VAL B 75 -27.57 37.44 6.62
CA VAL B 75 -27.65 36.66 5.39
C VAL B 75 -27.00 35.29 5.58
N VAL B 76 -25.94 35.22 6.39
CA VAL B 76 -25.32 33.94 6.69
C VAL B 76 -26.33 33.01 7.35
N GLY B 77 -27.05 33.51 8.35
CA GLY B 77 -28.05 32.69 9.00
C GLY B 77 -29.15 32.25 8.06
N GLN B 78 -29.58 33.14 7.17
CA GLN B 78 -30.67 32.83 6.25
C GLN B 78 -30.26 31.74 5.26
N LEU B 79 -29.08 31.90 4.65
CA LEU B 79 -28.62 30.91 3.68
C LEU B 79 -28.30 29.58 4.36
N ALA B 80 -27.73 29.62 5.57
CA ALA B 80 -27.46 28.38 6.28
C ALA B 80 -28.75 27.61 6.53
N LYS B 81 -29.87 28.31 6.73
CA LYS B 81 -31.14 27.64 6.95
C LYS B 81 -31.53 26.78 5.76
N GLN B 82 -31.12 27.16 4.55
CA GLN B 82 -31.44 26.44 3.34
C GLN B 82 -30.33 25.49 2.92
N MET B 83 -29.33 25.30 3.78
CA MET B 83 -28.29 24.29 3.60
C MET B 83 -28.40 23.16 4.61
N ILE B 84 -28.50 23.49 5.90
CA ILE B 84 -28.33 22.50 6.96
C ILE B 84 -29.52 21.56 6.98
N GLY B 85 -29.23 20.26 6.95
CA GLY B 85 -30.26 19.25 6.92
C GLY B 85 -30.69 18.85 5.53
N TYR B 86 -30.32 19.61 4.52
CA TYR B 86 -30.60 19.31 3.13
C TYR B 86 -29.43 18.56 2.51
N ASN B 87 -29.67 18.01 1.32
CA ASN B 87 -28.66 17.29 0.56
C ASN B 87 -28.05 18.22 -0.48
N LEU B 88 -26.72 18.22 -0.57
CA LEU B 88 -26.00 19.00 -1.57
C LEU B 88 -25.51 18.06 -2.66
N ALA B 89 -25.94 18.32 -3.89
CA ALA B 89 -25.53 17.54 -5.06
C ALA B 89 -24.54 18.35 -5.88
N THR B 90 -23.44 17.72 -6.28
CA THR B 90 -22.44 18.33 -7.15
C THR B 90 -22.09 17.36 -8.26
N LYS B 91 -21.27 17.83 -9.20
CA LYS B 91 -20.83 16.96 -10.28
C LYS B 91 -20.09 15.73 -9.77
N GLN B 92 -19.64 15.74 -8.51
CA GLN B 92 -18.86 14.64 -7.95
C GLN B 92 -19.59 13.90 -6.84
N THR B 93 -20.89 14.10 -6.70
CA THR B 93 -21.71 13.29 -5.82
C THR B 93 -22.68 12.46 -6.64
N PRO B 94 -23.27 11.43 -6.06
CA PRO B 94 -24.48 10.84 -6.65
C PRO B 94 -25.56 11.91 -6.79
N LYS B 95 -26.48 11.67 -7.71
CA LYS B 95 -27.55 12.65 -7.95
C LYS B 95 -28.38 12.90 -6.70
N GLU B 96 -28.37 11.97 -5.74
CA GLU B 96 -29.06 12.19 -4.47
C GLU B 96 -28.35 13.24 -3.61
N GLY B 97 -27.08 13.50 -3.87
CA GLY B 97 -26.33 14.44 -3.08
C GLY B 97 -25.94 13.88 -1.73
N VAL B 98 -25.39 14.77 -0.91
CA VAL B 98 -24.83 14.43 0.39
C VAL B 98 -25.47 15.30 1.45
N LYS B 99 -25.93 14.69 2.54
CA LYS B 99 -26.55 15.45 3.60
C LYS B 99 -25.54 16.41 4.25
N VAL B 100 -25.94 17.65 4.41
CA VAL B 100 -25.11 18.69 5.01
C VAL B 100 -25.57 18.87 6.44
N ASN B 101 -24.74 18.43 7.39
CA ASN B 101 -25.02 18.63 8.80
C ASN B 101 -24.30 19.83 9.40
N LYS B 102 -23.21 20.27 8.78
CA LYS B 102 -22.43 21.37 9.31
C LYS B 102 -22.04 22.32 8.18
N VAL B 103 -21.89 23.60 8.54
CA VAL B 103 -21.36 24.61 7.64
C VAL B 103 -20.20 25.32 8.32
N MET B 104 -19.23 25.73 7.53
CA MET B 104 -18.15 26.60 8.01
C MET B 104 -18.54 28.05 7.77
N VAL B 105 -18.35 28.90 8.77
CA VAL B 105 -18.52 30.34 8.64
C VAL B 105 -17.14 30.94 8.90
N ALA B 106 -16.53 31.51 7.87
CA ALA B 106 -15.14 31.90 7.93
C ALA B 106 -14.94 33.34 7.46
N GLU B 107 -13.83 33.94 7.88
CA GLU B 107 -13.42 35.20 7.30
C GLU B 107 -12.96 34.96 5.87
N ALA B 108 -13.53 35.71 4.92
CA ALA B 108 -13.11 35.62 3.53
C ALA B 108 -11.83 36.42 3.37
N LEU B 109 -10.79 35.77 2.87
CA LEU B 109 -9.49 36.40 2.68
C LEU B 109 -9.18 36.50 1.18
N ASP B 110 -8.62 37.64 0.79
CA ASP B 110 -8.12 37.79 -0.57
C ASP B 110 -6.78 37.12 -0.72
N ILE B 111 -6.51 36.59 -1.92
CA ILE B 111 -5.27 35.90 -2.24
C ILE B 111 -4.50 36.78 -3.22
N SER B 112 -3.36 37.32 -2.77
CA SER B 112 -2.52 38.12 -3.65
C SER B 112 -1.60 37.24 -4.50
N ARG B 113 -1.18 36.10 -3.98
CA ARG B 113 -0.24 35.22 -4.68
C ARG B 113 -0.48 33.79 -4.21
N GLU B 114 -0.33 32.85 -5.15
CA GLU B 114 -0.61 31.44 -4.91
C GLU B 114 0.61 30.60 -5.22
N THR B 115 0.94 29.67 -4.33
CA THR B 115 2.01 28.70 -4.59
C THR B 115 1.54 27.33 -4.14
N TYR B 116 2.31 26.31 -4.51
CA TYR B 116 2.07 24.92 -4.15
C TYR B 116 3.14 24.44 -3.18
N LEU B 117 2.73 23.75 -2.11
CA LEU B 117 3.68 23.17 -1.17
C LEU B 117 3.12 21.88 -0.61
N ALA B 118 3.89 20.80 -0.74
CA ALA B 118 3.51 19.53 -0.17
C ALA B 118 4.69 18.91 0.56
N ILE B 119 4.36 18.06 1.53
CA ILE B 119 5.34 17.29 2.29
C ILE B 119 4.90 15.83 2.25
N LEU B 120 5.82 14.93 1.90
CA LEU B 120 5.58 13.51 1.84
C LEU B 120 6.91 12.79 2.04
N MET B 121 6.85 11.47 2.18
CA MET B 121 8.06 10.66 2.25
C MET B 121 8.49 10.33 0.82
N ASP B 122 9.76 10.60 0.52
CA ASP B 122 10.31 10.34 -0.80
C ASP B 122 10.68 8.87 -0.90
N ARG B 123 10.04 8.14 -1.80
CA ARG B 123 10.30 6.70 -1.89
C ARG B 123 11.63 6.38 -2.57
N SER B 124 12.30 7.37 -3.15
CA SER B 124 13.64 7.17 -3.70
C SER B 124 14.76 7.65 -2.80
N CYS B 125 14.50 8.62 -1.91
CA CYS B 125 15.54 9.17 -1.06
C CYS B 125 15.40 8.77 0.41
N ASN B 126 14.37 8.02 0.77
CA ASN B 126 14.24 7.52 2.14
C ASN B 126 14.33 8.65 3.15
N GLY B 127 13.25 9.42 3.28
CA GLY B 127 13.18 10.55 4.18
C GLY B 127 12.14 11.50 3.66
N PRO B 128 11.66 12.41 4.50
CA PRO B 128 10.68 13.40 4.04
C PRO B 128 11.24 14.29 2.93
N VAL B 129 10.35 14.79 2.10
CA VAL B 129 10.72 15.76 1.08
C VAL B 129 9.70 16.89 1.05
N LEU B 130 10.19 18.12 0.91
CA LEU B 130 9.36 19.27 0.59
C LEU B 130 9.30 19.40 -0.94
N VAL B 131 8.09 19.47 -1.49
CA VAL B 131 7.86 19.67 -2.92
C VAL B 131 7.09 20.96 -3.09
N GLY B 132 7.64 21.90 -3.85
CA GLY B 132 7.01 23.20 -3.99
C GLY B 132 7.11 23.75 -5.40
N SER B 133 6.19 24.66 -5.70
CA SER B 133 6.20 25.38 -6.96
C SER B 133 5.65 26.78 -6.77
N PRO B 134 6.25 27.80 -7.39
CA PRO B 134 5.64 29.14 -7.39
C PRO B 134 4.35 29.20 -8.20
N GLN B 135 4.09 28.20 -9.03
CA GLN B 135 2.86 28.10 -9.82
C GLN B 135 1.82 27.39 -8.96
N GLY B 136 1.09 28.18 -8.16
CA GLY B 136 0.07 27.65 -7.30
C GLY B 136 -1.32 27.69 -7.92
N GLY B 137 -2.24 27.02 -7.25
CA GLY B 137 -3.62 27.02 -7.67
C GLY B 137 -3.96 26.08 -8.81
N VAL B 138 -3.02 25.23 -9.21
CA VAL B 138 -3.24 24.33 -10.33
C VAL B 138 -2.78 22.93 -9.95
N ASP B 139 -3.23 21.95 -10.74
CA ASP B 139 -2.77 20.59 -10.57
C ASP B 139 -1.25 20.54 -10.64
N ILE B 140 -0.62 20.02 -9.60
CA ILE B 140 0.84 19.95 -9.60
C ILE B 140 1.32 19.03 -10.71
N GLU B 141 0.54 17.99 -11.03
CA GLU B 141 0.91 17.12 -12.15
C GLU B 141 0.97 17.88 -13.45
N GLU B 142 0.18 18.96 -13.57
CA GLU B 142 0.21 19.78 -14.77
C GLU B 142 1.45 20.67 -14.80
N VAL B 143 1.87 21.19 -13.64
CA VAL B 143 3.09 21.99 -13.60
C VAL B 143 4.29 21.13 -13.98
N ALA B 144 4.30 19.88 -13.51
CA ALA B 144 5.41 18.99 -13.83
C ALA B 144 5.47 18.69 -15.32
N ALA B 145 4.31 18.61 -15.98
CA ALA B 145 4.30 18.37 -17.42
C ALA B 145 4.72 19.62 -18.18
N SER B 146 3.97 20.72 -17.99
CA SER B 146 4.25 21.95 -18.72
C SER B 146 5.62 22.50 -18.35
N ASN B 147 5.87 22.73 -17.06
CA ASN B 147 7.07 23.42 -16.60
C ASN B 147 7.75 22.62 -15.49
N PRO B 148 8.51 21.58 -15.85
CA PRO B 148 9.24 20.83 -14.82
C PRO B 148 10.30 21.65 -14.12
N GLU B 149 10.71 22.79 -14.68
CA GLU B 149 11.72 23.63 -14.05
C GLU B 149 11.16 24.46 -12.91
N LEU B 150 9.85 24.46 -12.72
CA LEU B 150 9.20 25.19 -11.64
C LEU B 150 8.84 24.29 -10.47
N ILE B 151 9.35 23.06 -10.45
CA ILE B 151 9.16 22.15 -9.33
C ILE B 151 10.47 22.10 -8.55
N PHE B 152 10.40 22.45 -7.27
CA PHE B 152 11.54 22.47 -6.38
C PHE B 152 11.36 21.44 -5.27
N LYS B 153 12.47 20.85 -4.84
CA LYS B 153 12.45 19.84 -3.79
C LYS B 153 13.56 20.10 -2.78
N GLU B 154 13.24 19.85 -1.51
CA GLU B 154 14.21 19.84 -0.43
C GLU B 154 14.08 18.51 0.30
N GLN B 155 15.17 17.74 0.33
CA GLN B 155 15.20 16.47 1.03
C GLN B 155 15.55 16.72 2.49
N ILE B 156 14.79 16.13 3.41
CA ILE B 156 14.95 16.34 4.84
C ILE B 156 15.42 15.03 5.49
N ASP B 157 16.34 15.14 6.43
CA ASP B 157 16.81 14.01 7.23
C ASP B 157 15.88 13.83 8.44
N ILE B 158 15.33 12.62 8.59
CA ILE B 158 14.27 12.42 9.56
C ILE B 158 14.75 12.57 11.00
N PHE B 159 16.03 12.38 11.28
CA PHE B 159 16.51 12.55 12.65
C PHE B 159 17.06 13.94 12.92
N GLU B 160 17.55 14.62 11.89
CA GLU B 160 18.01 16.00 12.06
C GLU B 160 16.85 16.97 12.11
N GLY B 161 15.73 16.64 11.49
CA GLY B 161 14.61 17.55 11.40
C GLY B 161 14.86 18.62 10.36
N ILE B 162 13.80 19.37 10.06
CA ILE B 162 13.91 20.43 9.07
C ILE B 162 14.80 21.52 9.63
N LYS B 163 15.67 22.07 8.78
CA LYS B 163 16.59 23.13 9.13
C LYS B 163 16.13 24.45 8.52
N ASP B 164 16.36 25.54 9.25
CA ASP B 164 15.98 26.86 8.75
C ASP B 164 16.50 27.09 7.34
N SER B 165 17.72 26.63 7.04
CA SER B 165 18.27 26.85 5.70
C SER B 165 17.41 26.19 4.63
N GLN B 166 16.81 25.03 4.94
CA GLN B 166 15.96 24.36 3.97
C GLN B 166 14.62 25.10 3.81
N ALA B 167 14.02 25.51 4.93
CA ALA B 167 12.74 26.21 4.86
C ALA B 167 12.88 27.55 4.15
N GLN B 168 13.97 28.28 4.43
CA GLN B 168 14.19 29.58 3.79
C GLN B 168 14.43 29.41 2.29
N ARG B 169 15.23 28.41 1.91
CA ARG B 169 15.48 28.16 0.49
C ARG B 169 14.18 27.80 -0.23
N MET B 170 13.35 26.95 0.36
CA MET B 170 12.09 26.64 -0.29
C MET B 170 11.20 27.87 -0.39
N ALA B 171 11.11 28.65 0.70
CA ALA B 171 10.29 29.86 0.68
C ALA B 171 10.74 30.80 -0.44
N GLU B 172 12.04 30.94 -0.63
CA GLU B 172 12.55 31.80 -1.69
C GLU B 172 12.19 31.26 -3.08
N ASN B 173 12.36 29.94 -3.28
CA ASN B 173 12.03 29.36 -4.58
C ASN B 173 10.53 29.39 -4.87
N LEU B 174 9.70 29.51 -3.84
CA LEU B 174 8.28 29.67 -4.04
C LEU B 174 7.89 31.10 -4.36
N GLY B 175 8.82 32.05 -4.29
CA GLY B 175 8.57 33.41 -4.71
C GLY B 175 8.25 34.38 -3.59
N PHE B 176 8.31 33.94 -2.34
CA PHE B 176 8.11 34.85 -1.22
C PHE B 176 9.36 35.72 -1.04
N VAL B 177 9.16 36.99 -0.70
CA VAL B 177 10.26 37.92 -0.53
C VAL B 177 10.06 38.71 0.76
N GLY B 178 11.16 39.23 1.28
CA GLY B 178 11.11 40.08 2.44
C GLY B 178 10.55 39.36 3.64
N PRO B 179 9.92 40.11 4.54
CA PRO B 179 9.31 39.46 5.72
C PRO B 179 8.37 38.34 5.38
N LEU B 180 7.75 38.34 4.20
CA LEU B 180 6.88 37.24 3.82
C LEU B 180 7.69 35.96 3.60
N LYS B 181 8.92 36.08 3.10
CA LYS B 181 9.79 34.91 3.02
C LYS B 181 9.99 34.29 4.40
N SER B 182 10.25 35.12 5.41
CA SER B 182 10.47 34.59 6.75
C SER B 182 9.22 33.93 7.29
N GLN B 183 8.06 34.54 7.05
CA GLN B 183 6.79 33.95 7.46
C GLN B 183 6.58 32.60 6.78
N ALA B 184 6.81 32.54 5.47
CA ALA B 184 6.62 31.29 4.75
C ALA B 184 7.55 30.20 5.29
N ALA B 185 8.81 30.55 5.56
CA ALA B 185 9.74 29.57 6.12
C ALA B 185 9.23 29.03 7.44
N ASP B 186 8.72 29.92 8.30
CA ASP B 186 8.14 29.48 9.55
C ASP B 186 6.96 28.54 9.33
N GLN B 187 6.10 28.86 8.36
CA GLN B 187 4.92 28.02 8.11
C GLN B 187 5.33 26.66 7.55
N ILE B 188 6.33 26.64 6.67
CA ILE B 188 6.87 25.37 6.16
C ILE B 188 7.35 24.52 7.32
N THR B 189 8.06 25.13 8.28
CA THR B 189 8.53 24.40 9.44
C THR B 189 7.37 23.81 10.24
N LYS B 190 6.33 24.60 10.48
CA LYS B 190 5.18 24.10 11.22
C LYS B 190 4.45 23.01 10.44
N LEU B 191 4.37 23.15 9.11
CA LEU B 191 3.75 22.10 8.30
C LEU B 191 4.56 20.81 8.36
N TYR B 192 5.89 20.92 8.36
CA TYR B 192 6.73 19.74 8.45
C TYR B 192 6.52 19.01 9.78
N ASN B 193 6.51 19.75 10.88
CA ASN B 193 6.33 19.11 12.18
C ASN B 193 4.93 18.51 12.30
N LEU B 194 3.93 19.19 11.72
CA LEU B 194 2.57 18.63 11.67
C LEU B 194 2.56 17.29 10.94
N PHE B 195 3.14 17.26 9.74
CA PHE B 195 3.22 16.06 8.92
C PHE B 195 3.73 14.86 9.71
N LEU B 196 4.79 15.04 10.50
CA LEU B 196 5.33 13.93 11.27
C LEU B 196 4.44 13.59 12.46
N LYS B 197 3.90 14.60 13.14
CA LYS B 197 3.11 14.36 14.34
C LYS B 197 1.88 13.49 14.06
N ILE B 198 1.22 13.70 12.91
CA ILE B 198 -0.07 13.06 12.65
C ILE B 198 0.07 11.82 11.75
N ASP B 199 1.29 11.39 11.47
CA ASP B 199 1.54 10.23 10.61
C ASP B 199 0.82 10.40 9.27
N ALA B 200 0.94 11.59 8.71
CA ALA B 200 0.46 11.81 7.36
C ALA B 200 1.34 11.07 6.37
N THR B 201 0.73 10.63 5.27
CA THR B 201 1.49 10.28 4.08
C THR B 201 1.71 11.48 3.17
N GLN B 202 0.85 12.50 3.26
CA GLN B 202 1.10 13.73 2.53
C GLN B 202 0.29 14.86 3.16
N VAL B 203 0.95 16.01 3.33
CA VAL B 203 0.28 17.28 3.62
C VAL B 203 0.47 18.15 2.38
N GLU B 204 -0.62 18.51 1.73
CA GLU B 204 -0.58 19.28 0.49
C GLU B 204 -1.33 20.59 0.68
N VAL B 205 -0.63 21.71 0.52
CA VAL B 205 -1.24 23.04 0.65
C VAL B 205 -1.29 23.67 -0.73
N ASN B 206 -2.49 23.97 -1.18
CA ASN B 206 -2.66 24.60 -2.49
C ASN B 206 -3.99 25.33 -2.49
N PRO B 207 -4.00 26.68 -2.46
CA PRO B 207 -2.80 27.53 -2.46
C PRO B 207 -2.19 27.84 -1.09
N PHE B 208 -0.86 27.78 -1.07
CA PHE B 208 -0.02 28.33 -0.01
C PHE B 208 0.37 29.73 -0.48
N GLY B 209 -0.15 30.75 0.17
CA GLY B 209 -0.04 32.06 -0.44
C GLY B 209 -0.01 33.24 0.48
N GLU B 210 -0.28 34.42 -0.07
CA GLU B 210 -0.24 35.66 0.66
C GLU B 210 -1.57 36.40 0.51
N THR B 211 -1.94 37.14 1.56
CA THR B 211 -3.02 38.11 1.49
C THR B 211 -2.49 39.47 1.12
N PRO B 212 -3.33 40.35 0.59
CA PRO B 212 -2.88 41.73 0.34
C PRO B 212 -2.39 42.42 1.60
N GLU B 213 -2.88 42.00 2.77
CA GLU B 213 -2.52 42.60 4.04
C GLU B 213 -1.15 42.15 4.55
N GLY B 214 -0.49 41.24 3.85
CA GLY B 214 0.86 40.86 4.20
C GLY B 214 0.99 39.65 5.09
N GLN B 215 0.07 38.69 4.99
CA GLN B 215 0.16 37.47 5.77
C GLN B 215 0.28 36.27 4.83
N VAL B 216 1.12 35.32 5.23
CA VAL B 216 1.23 34.03 4.55
C VAL B 216 0.20 33.08 5.17
N VAL B 217 -0.64 32.50 4.33
CA VAL B 217 -1.78 31.72 4.78
C VAL B 217 -1.86 30.42 3.98
N CYS B 218 -2.22 29.33 4.66
CA CYS B 218 -2.59 28.07 4.00
C CYS B 218 -4.08 28.15 3.68
N PHE B 219 -4.40 28.56 2.45
CA PHE B 219 -5.79 28.85 2.12
C PHE B 219 -6.63 27.58 1.99
N ASP B 220 -6.04 26.52 1.44
CA ASP B 220 -6.70 25.22 1.35
C ASP B 220 -5.65 24.13 1.40
N ALA B 221 -6.03 22.96 1.88
CA ALA B 221 -5.08 21.88 2.06
C ALA B 221 -5.79 20.54 2.06
N LYS B 222 -5.05 19.50 1.68
CA LYS B 222 -5.52 18.13 1.69
C LYS B 222 -4.49 17.30 2.45
N ILE B 223 -4.96 16.53 3.44
CA ILE B 223 -4.08 15.67 4.22
C ILE B 223 -4.48 14.22 3.98
N ASN B 224 -3.52 13.39 3.59
CA ASN B 224 -3.68 11.95 3.49
C ASN B 224 -2.94 11.30 4.65
N PHE B 225 -3.52 10.24 5.21
CA PHE B 225 -3.00 9.62 6.43
C PHE B 225 -2.54 8.19 6.19
N ASP B 226 -1.55 7.78 6.98
CA ASP B 226 -1.05 6.40 6.99
C ASP B 226 -1.99 5.52 7.79
N ASP B 227 -2.71 4.63 7.11
CA ASP B 227 -3.62 3.73 7.82
C ASP B 227 -2.87 2.84 8.80
N ASN B 228 -1.59 2.56 8.55
CA ASN B 228 -0.81 1.71 9.45
C ASN B 228 -0.57 2.36 10.81
N ALA B 229 -0.82 3.67 10.95
CA ALA B 229 -0.59 4.38 12.19
C ALA B 229 -1.88 4.67 12.95
N GLU B 230 -3.00 4.08 12.54
CA GLU B 230 -4.26 4.34 13.22
C GLU B 230 -4.14 4.03 14.71
N PHE B 231 -3.40 2.98 15.08
CA PHE B 231 -3.32 2.60 16.48
C PHE B 231 -2.74 3.71 17.35
N ARG B 232 -1.98 4.65 16.76
CA ARG B 232 -1.43 5.77 17.52
C ARG B 232 -2.00 7.11 17.03
N GLN B 233 -3.11 7.09 16.30
CA GLN B 233 -3.81 8.29 15.86
C GLN B 233 -5.30 8.14 16.08
N LYS B 234 -5.68 7.61 17.24
CA LYS B 234 -7.09 7.27 17.47
C LYS B 234 -7.99 8.50 17.29
N ASP B 235 -7.57 9.64 17.83
CA ASP B 235 -8.42 10.83 17.81
C ASP B 235 -8.64 11.32 16.39
N ILE B 236 -7.61 11.27 15.54
CA ILE B 236 -7.78 11.71 14.16
C ILE B 236 -8.66 10.73 13.38
N PHE B 237 -8.44 9.43 13.58
CA PHE B 237 -9.22 8.44 12.85
C PHE B 237 -10.66 8.40 13.34
N ALA B 238 -10.93 8.83 14.57
CA ALA B 238 -12.30 8.97 15.04
C ALA B 238 -13.07 10.06 14.29
N MET B 239 -12.37 11.01 13.67
CA MET B 239 -13.03 12.04 12.88
C MET B 239 -13.40 11.55 11.48
N ASP B 240 -12.96 10.35 11.12
CA ASP B 240 -13.14 9.85 9.76
C ASP B 240 -14.61 9.93 9.36
N ASP B 241 -14.88 10.66 8.29
CA ASP B 241 -16.23 10.72 7.74
C ASP B 241 -16.36 9.64 6.68
N LYS B 242 -17.17 8.62 6.99
CA LYS B 242 -17.36 7.47 6.10
C LYS B 242 -18.64 7.59 5.27
N SER B 243 -19.42 8.65 5.47
CA SER B 243 -20.74 8.74 4.87
C SER B 243 -20.72 8.86 3.36
N GLU B 244 -19.59 9.23 2.75
CA GLU B 244 -19.49 9.31 1.30
C GLU B 244 -18.69 8.17 0.69
N ASN B 245 -18.27 7.20 1.50
CA ASN B 245 -17.63 6.00 0.98
C ASN B 245 -18.67 5.06 0.39
N GLU B 246 -18.23 4.21 -0.53
CA GLU B 246 -19.07 3.12 -0.96
C GLU B 246 -19.46 2.27 0.23
N PRO B 247 -20.74 1.96 0.42
CA PRO B 247 -21.13 1.17 1.61
C PRO B 247 -20.42 -0.17 1.72
N ILE B 248 -20.20 -0.85 0.59
CA ILE B 248 -19.53 -2.15 0.67
C ILE B 248 -18.09 -1.97 1.16
N GLU B 249 -17.44 -0.86 0.81
CA GLU B 249 -16.10 -0.63 1.34
C GLU B 249 -16.14 -0.43 2.85
N ASN B 250 -17.12 0.33 3.35
CA ASN B 250 -17.24 0.52 4.78
C ASN B 250 -17.50 -0.79 5.51
N GLU B 251 -18.35 -1.64 4.92
CA GLU B 251 -18.60 -2.95 5.53
C GLU B 251 -17.34 -3.80 5.52
N ALA B 252 -16.59 -3.79 4.42
CA ALA B 252 -15.37 -4.59 4.34
C ALA B 252 -14.35 -4.14 5.39
N ALA B 253 -14.27 -2.83 5.64
CA ALA B 253 -13.30 -2.33 6.61
C ALA B 253 -13.63 -2.80 8.02
N LYS B 254 -14.92 -2.99 8.32
CA LYS B 254 -15.31 -3.50 9.63
C LYS B 254 -14.68 -4.84 9.93
N TYR B 255 -14.34 -5.62 8.89
CA TYR B 255 -13.79 -6.95 9.06
C TYR B 255 -12.35 -7.04 8.59
N ASP B 256 -11.64 -5.92 8.54
CA ASP B 256 -10.22 -5.90 8.21
C ASP B 256 -9.97 -6.48 6.82
N LEU B 257 -10.93 -6.31 5.92
CA LEU B 257 -10.78 -6.67 4.52
C LEU B 257 -10.56 -5.42 3.69
N LYS B 258 -9.69 -5.53 2.69
CA LYS B 258 -9.38 -4.41 1.81
C LYS B 258 -10.12 -4.62 0.49
N TYR B 259 -11.25 -3.94 0.38
CA TYR B 259 -12.12 -3.95 -0.79
C TYR B 259 -11.99 -2.61 -1.52
N ILE B 260 -11.86 -2.66 -2.83
CA ILE B 260 -11.86 -1.46 -3.67
C ILE B 260 -12.83 -1.71 -4.82
N GLY B 261 -13.89 -0.92 -4.89
CA GLY B 261 -14.88 -1.11 -5.93
C GLY B 261 -14.38 -0.59 -7.27
N LEU B 262 -14.72 -1.32 -8.33
CA LEU B 262 -14.36 -0.98 -9.70
C LEU B 262 -15.63 -0.93 -10.53
N ASP B 263 -15.49 -0.48 -11.79
CA ASP B 263 -16.63 -0.37 -12.71
C ASP B 263 -16.63 -1.64 -13.57
N GLY B 264 -17.25 -2.68 -13.04
CA GLY B 264 -17.36 -3.92 -13.78
C GLY B 264 -18.39 -4.82 -13.14
N ASN B 265 -18.49 -6.04 -13.67
CA ASN B 265 -19.52 -6.97 -13.22
C ASN B 265 -19.00 -8.36 -12.83
N ILE B 266 -17.71 -8.61 -12.92
CA ILE B 266 -17.12 -9.88 -12.47
C ILE B 266 -16.35 -9.59 -11.19
N ALA B 267 -16.93 -10.01 -10.07
CA ALA B 267 -16.25 -9.81 -8.79
C ALA B 267 -15.16 -10.86 -8.61
N CYS B 268 -14.23 -10.57 -7.71
CA CYS B 268 -13.18 -11.53 -7.42
C CYS B 268 -12.60 -11.25 -6.04
N PHE B 269 -11.95 -12.28 -5.47
CA PHE B 269 -11.18 -12.09 -4.25
C PHE B 269 -10.13 -13.19 -4.13
N VAL B 270 -9.05 -12.86 -3.41
CA VAL B 270 -7.84 -13.66 -3.36
C VAL B 270 -7.20 -13.48 -2.00
N ASN B 271 -6.51 -14.52 -1.50
CA ASN B 271 -5.78 -14.39 -0.25
C ASN B 271 -4.32 -13.98 -0.52
N GLY B 272 -4.17 -12.71 -0.91
CA GLY B 272 -2.88 -12.09 -1.15
C GLY B 272 -2.98 -10.91 -2.11
N ALA B 273 -2.41 -9.75 -1.75
CA ALA B 273 -2.71 -8.53 -2.49
C ALA B 273 -2.19 -8.58 -3.92
N GLY B 274 -0.99 -9.13 -4.13
CA GLY B 274 -0.43 -9.13 -5.48
C GLY B 274 -1.29 -9.94 -6.45
N LEU B 275 -1.67 -11.15 -6.05
CA LEU B 275 -2.52 -11.95 -6.92
C LEU B 275 -3.95 -11.40 -6.93
N ALA B 276 -4.38 -10.70 -5.87
CA ALA B 276 -5.68 -10.03 -5.94
C ALA B 276 -5.68 -8.97 -7.06
N MET B 277 -4.61 -8.16 -7.14
CA MET B 277 -4.49 -7.21 -8.25
C MET B 277 -4.42 -7.94 -9.59
N ALA B 278 -3.63 -9.01 -9.66
CA ALA B 278 -3.40 -9.67 -10.94
C ALA B 278 -4.65 -10.41 -11.41
N THR B 279 -5.52 -10.80 -10.49
CA THR B 279 -6.78 -11.45 -10.86
C THR B 279 -7.74 -10.45 -11.49
N CYS B 280 -7.83 -9.23 -10.95
CA CYS B 280 -8.53 -8.17 -11.66
C CYS B 280 -7.97 -8.00 -13.05
N ASP B 281 -6.64 -7.99 -13.16
CA ASP B 281 -5.98 -7.77 -14.44
C ASP B 281 -6.31 -8.87 -15.43
N ILE B 282 -6.25 -10.13 -14.98
CA ILE B 282 -6.39 -11.25 -15.92
C ILE B 282 -7.85 -11.39 -16.36
N ILE B 283 -8.80 -10.98 -15.52
CA ILE B 283 -10.19 -10.88 -15.97
C ILE B 283 -10.28 -9.91 -17.15
N PHE B 284 -9.62 -8.75 -17.02
CA PHE B 284 -9.60 -7.77 -18.10
C PHE B 284 -8.90 -8.32 -19.33
N LEU B 285 -7.73 -8.95 -19.16
CA LEU B 285 -6.97 -9.47 -20.30
C LEU B 285 -7.80 -10.44 -21.14
N ASN B 286 -8.74 -11.14 -20.51
CA ASN B 286 -9.56 -12.12 -21.21
C ASN B 286 -10.93 -11.59 -21.57
N GLY B 287 -11.10 -10.27 -21.58
CA GLY B 287 -12.29 -9.68 -22.15
C GLY B 287 -13.37 -9.29 -21.18
N GLY B 288 -13.10 -9.33 -19.88
CA GLY B 288 -14.07 -8.98 -18.87
C GLY B 288 -13.79 -7.64 -18.21
N LYS B 289 -14.74 -7.25 -17.35
CA LYS B 289 -14.65 -6.05 -16.54
C LYS B 289 -14.67 -6.42 -15.08
N PRO B 290 -13.56 -6.34 -14.35
CA PRO B 290 -13.60 -6.68 -12.92
C PRO B 290 -14.47 -5.69 -12.15
N ALA B 291 -15.23 -6.24 -11.20
CA ALA B 291 -16.13 -5.43 -10.40
C ALA B 291 -15.47 -4.85 -9.15
N ASN B 292 -14.37 -5.44 -8.71
CA ASN B 292 -13.76 -5.05 -7.46
C ASN B 292 -12.40 -5.71 -7.34
N PHE B 293 -11.57 -5.12 -6.49
CA PHE B 293 -10.41 -5.75 -5.87
C PHE B 293 -10.80 -6.13 -4.46
N LEU B 294 -10.38 -7.32 -4.02
CA LEU B 294 -10.60 -7.71 -2.62
C LEU B 294 -9.50 -8.67 -2.21
N ASP B 295 -8.66 -8.21 -1.28
CA ASP B 295 -7.55 -8.96 -0.70
C ASP B 295 -7.96 -9.44 0.68
N LEU B 296 -7.90 -10.75 0.89
CA LEU B 296 -8.17 -11.31 2.20
C LEU B 296 -6.92 -11.31 3.10
N GLY B 297 -5.78 -10.94 2.55
CA GLY B 297 -4.51 -11.11 3.23
C GLY B 297 -3.95 -12.50 3.02
N GLY B 298 -2.66 -12.65 3.28
CA GLY B 298 -2.01 -13.94 3.17
C GLY B 298 -2.55 -14.91 4.19
N GLY B 299 -2.44 -16.19 3.87
CA GLY B 299 -2.94 -17.23 4.75
C GLY B 299 -4.40 -17.54 4.50
N VAL B 300 -4.88 -18.53 5.25
CA VAL B 300 -6.22 -19.07 5.08
C VAL B 300 -7.03 -18.78 6.34
N LYS B 301 -8.11 -18.02 6.20
CA LYS B 301 -9.09 -17.85 7.27
C LYS B 301 -10.47 -18.04 6.65
N GLU B 302 -11.13 -19.16 6.99
CA GLU B 302 -12.45 -19.44 6.44
C GLU B 302 -13.41 -18.29 6.72
N ALA B 303 -13.25 -17.62 7.86
CA ALA B 303 -14.18 -16.55 8.21
C ALA B 303 -14.04 -15.36 7.28
N GLN B 304 -12.84 -15.13 6.75
CA GLN B 304 -12.68 -14.05 5.79
C GLN B 304 -13.26 -14.41 4.43
N VAL B 305 -13.20 -15.68 4.04
CA VAL B 305 -13.89 -16.13 2.83
C VAL B 305 -15.40 -15.94 2.98
N TYR B 306 -15.94 -16.29 4.14
CA TYR B 306 -17.37 -16.12 4.37
C TYR B 306 -17.76 -14.65 4.27
N GLN B 307 -17.01 -13.77 4.94
CA GLN B 307 -17.32 -12.35 4.90
C GLN B 307 -17.18 -11.79 3.49
N ALA B 308 -16.24 -12.30 2.71
CA ALA B 308 -16.07 -11.85 1.34
C ALA B 308 -17.33 -12.14 0.52
N PHE B 309 -17.87 -13.35 0.65
CA PHE B 309 -19.12 -13.65 -0.05
C PHE B 309 -20.25 -12.76 0.45
N LYS B 310 -20.30 -12.50 1.75
CA LYS B 310 -21.35 -11.63 2.28
C LYS B 310 -21.29 -10.25 1.64
N LEU B 311 -20.07 -9.75 1.38
CA LEU B 311 -19.91 -8.46 0.72
C LEU B 311 -20.40 -8.50 -0.71
N LEU B 312 -20.02 -9.55 -1.46
CA LEU B 312 -20.25 -9.58 -2.89
C LEU B 312 -21.69 -9.95 -3.25
N THR B 313 -22.31 -10.87 -2.51
CA THR B 313 -23.71 -11.18 -2.77
C THR B 313 -24.60 -9.95 -2.56
N ALA B 314 -24.08 -8.88 -1.96
CA ALA B 314 -24.85 -7.66 -1.74
C ALA B 314 -24.76 -6.67 -2.89
N ASP B 315 -23.80 -6.83 -3.80
CA ASP B 315 -23.57 -5.85 -4.85
C ASP B 315 -24.41 -6.19 -6.08
N PRO B 316 -25.39 -5.37 -6.45
CA PRO B 316 -26.24 -5.74 -7.60
C PRO B 316 -25.52 -5.71 -8.93
N LYS B 317 -24.35 -5.06 -9.02
CA LYS B 317 -23.60 -5.07 -10.27
C LYS B 317 -22.92 -6.41 -10.53
N VAL B 318 -22.78 -7.25 -9.51
CA VAL B 318 -22.02 -8.49 -9.64
C VAL B 318 -22.86 -9.51 -10.41
N GLU B 319 -22.31 -9.98 -11.53
CA GLU B 319 -22.94 -11.03 -12.33
C GLU B 319 -22.18 -12.35 -12.30
N ALA B 320 -21.00 -12.40 -11.69
CA ALA B 320 -20.19 -13.61 -11.58
C ALA B 320 -19.10 -13.32 -10.57
N ILE B 321 -18.56 -14.38 -9.97
CA ILE B 321 -17.50 -14.26 -8.98
C ILE B 321 -16.37 -15.22 -9.33
N LEU B 322 -15.13 -14.72 -9.24
CA LEU B 322 -13.92 -15.52 -9.42
C LEU B 322 -13.15 -15.51 -8.11
N VAL B 323 -12.99 -16.68 -7.50
CA VAL B 323 -12.26 -16.83 -6.25
C VAL B 323 -10.98 -17.59 -6.53
N ASN B 324 -9.86 -17.07 -6.02
CA ASN B 324 -8.58 -17.79 -6.09
C ASN B 324 -8.01 -17.88 -4.68
N ILE B 325 -7.84 -19.11 -4.19
CA ILE B 325 -7.32 -19.35 -2.86
C ILE B 325 -6.18 -20.36 -2.91
N PHE B 326 -5.07 -20.02 -2.30
CA PHE B 326 -3.96 -20.94 -2.05
C PHE B 326 -4.10 -21.41 -0.61
N GLY B 327 -4.31 -22.71 -0.42
CA GLY B 327 -4.68 -23.24 0.87
C GLY B 327 -3.53 -23.46 1.84
N GLY B 328 -2.30 -23.38 1.36
CA GLY B 328 -1.18 -23.70 2.23
C GLY B 328 -1.35 -25.06 2.88
N ILE B 329 -1.23 -25.10 4.20
CA ILE B 329 -1.37 -26.34 4.96
C ILE B 329 -2.81 -26.76 5.17
N VAL B 330 -3.77 -25.87 4.89
CA VAL B 330 -5.18 -26.18 5.13
C VAL B 330 -5.70 -27.06 4.01
N ASN B 331 -6.32 -28.17 4.38
CA ASN B 331 -6.86 -29.09 3.39
C ASN B 331 -7.91 -28.39 2.54
N CYS B 332 -7.74 -28.43 1.22
CA CYS B 332 -8.63 -27.66 0.36
C CYS B 332 -10.07 -28.17 0.41
N ALA B 333 -10.28 -29.42 0.81
CA ALA B 333 -11.64 -29.93 0.98
C ALA B 333 -12.37 -29.19 2.09
N ILE B 334 -11.65 -28.80 3.15
CA ILE B 334 -12.23 -27.98 4.21
C ILE B 334 -12.62 -26.63 3.65
N ILE B 335 -11.72 -26.01 2.88
CA ILE B 335 -12.03 -24.73 2.24
C ILE B 335 -13.24 -24.86 1.32
N ALA B 336 -13.26 -25.92 0.50
CA ALA B 336 -14.38 -26.13 -0.41
C ALA B 336 -15.70 -26.29 0.33
N ASN B 337 -15.70 -27.07 1.42
CA ASN B 337 -16.93 -27.20 2.20
C ASN B 337 -17.34 -25.85 2.80
N GLY B 338 -16.37 -25.02 3.17
CA GLY B 338 -16.71 -23.69 3.65
C GLY B 338 -17.34 -22.83 2.56
N ILE B 339 -16.84 -22.96 1.33
CA ILE B 339 -17.40 -22.19 0.23
C ILE B 339 -18.85 -22.59 -0.01
N THR B 340 -19.13 -23.90 -0.11
CA THR B 340 -20.52 -24.31 -0.35
C THR B 340 -21.41 -23.90 0.80
N LYS B 341 -20.91 -23.98 2.03
CA LYS B 341 -21.67 -23.53 3.21
C LYS B 341 -22.02 -22.06 3.07
N ALA B 342 -21.03 -21.22 2.74
CA ALA B 342 -21.29 -19.80 2.62
C ALA B 342 -22.30 -19.52 1.50
N CYS B 343 -22.16 -20.23 0.38
CA CYS B 343 -23.02 -19.93 -0.77
C CYS B 343 -24.45 -20.38 -0.51
N ARG B 344 -24.64 -21.44 0.30
CA ARG B 344 -25.98 -21.83 0.69
C ARG B 344 -26.58 -20.83 1.67
N GLU B 345 -25.87 -20.53 2.76
CA GLU B 345 -26.39 -19.66 3.81
C GLU B 345 -26.59 -18.23 3.33
N LEU B 346 -25.74 -17.74 2.44
CA LEU B 346 -25.83 -16.39 1.91
C LEU B 346 -26.57 -16.32 0.57
N GLU B 347 -27.08 -17.45 0.10
CA GLU B 347 -27.90 -17.53 -1.12
C GLU B 347 -27.18 -16.90 -2.31
N LEU B 348 -26.11 -17.58 -2.72
CA LEU B 348 -25.44 -17.27 -3.98
C LEU B 348 -26.42 -17.38 -5.14
N LYS B 349 -26.48 -16.33 -5.95
CA LYS B 349 -27.36 -16.29 -7.12
C LYS B 349 -26.64 -16.09 -8.45
N VAL B 350 -25.31 -16.02 -8.44
CA VAL B 350 -24.55 -15.75 -9.65
C VAL B 350 -23.56 -16.89 -9.83
N PRO B 351 -23.07 -17.09 -11.06
CA PRO B 351 -22.06 -18.14 -11.26
C PRO B 351 -20.77 -17.84 -10.52
N LEU B 352 -20.21 -18.87 -9.90
CA LEU B 352 -18.97 -18.79 -9.14
C LEU B 352 -17.94 -19.69 -9.79
N VAL B 353 -16.74 -19.15 -10.01
CA VAL B 353 -15.60 -19.92 -10.52
C VAL B 353 -14.53 -19.91 -9.44
N VAL B 354 -14.06 -21.10 -9.05
CA VAL B 354 -13.13 -21.24 -7.94
C VAL B 354 -11.83 -21.90 -8.43
N ARG B 355 -10.71 -21.23 -8.18
CA ARG B 355 -9.38 -21.77 -8.40
C ARG B 355 -8.74 -22.04 -7.03
N LEU B 356 -8.49 -23.31 -6.74
CA LEU B 356 -7.84 -23.72 -5.49
C LEU B 356 -6.52 -24.40 -5.80
N GLU B 357 -5.52 -24.14 -4.97
CA GLU B 357 -4.26 -24.84 -5.03
C GLU B 357 -3.87 -25.20 -3.59
N GLY B 358 -3.33 -26.38 -3.42
CA GLY B 358 -2.93 -26.83 -2.11
C GLY B 358 -3.05 -28.33 -2.01
N THR B 359 -3.39 -28.79 -0.81
CA THR B 359 -3.56 -30.22 -0.57
C THR B 359 -5.01 -30.61 -0.80
N ASN B 360 -5.21 -31.76 -1.44
CA ASN B 360 -6.53 -32.38 -1.58
C ASN B 360 -7.43 -31.60 -2.54
N VAL B 361 -6.85 -31.07 -3.62
CA VAL B 361 -7.64 -30.28 -4.56
C VAL B 361 -8.69 -31.13 -5.26
N GLN B 362 -8.37 -32.39 -5.58
CA GLN B 362 -9.31 -33.22 -6.32
C GLN B 362 -10.61 -33.38 -5.54
N GLU B 363 -10.51 -33.72 -4.26
CA GLU B 363 -11.70 -33.84 -3.42
C GLU B 363 -12.43 -32.50 -3.32
N ALA B 364 -11.68 -31.40 -3.17
CA ALA B 364 -12.30 -30.09 -3.08
C ALA B 364 -13.15 -29.79 -4.30
N GLN B 365 -12.61 -30.05 -5.50
CA GLN B 365 -13.36 -29.81 -6.72
C GLN B 365 -14.60 -30.71 -6.82
N LYS B 366 -14.49 -31.95 -6.33
CA LYS B 366 -15.66 -32.82 -6.29
C LYS B 366 -16.72 -32.26 -5.36
N ILE B 367 -16.31 -31.73 -4.20
CA ILE B 367 -17.24 -31.11 -3.28
C ILE B 367 -17.99 -29.97 -3.97
N LEU B 368 -17.27 -29.12 -4.69
CA LEU B 368 -17.92 -28.00 -5.35
C LEU B 368 -18.87 -28.48 -6.45
N ASN B 369 -18.51 -29.55 -7.15
CA ASN B 369 -19.33 -30.00 -8.29
C ASN B 369 -20.61 -30.68 -7.83
N ASN B 370 -20.60 -31.32 -6.67
CA ASN B 370 -21.76 -32.04 -6.16
C ASN B 370 -22.64 -31.19 -5.25
N SER B 371 -22.41 -29.89 -5.20
CA SER B 371 -23.09 -29.02 -4.25
C SER B 371 -24.48 -28.62 -4.70
N GLY B 372 -24.82 -28.84 -5.97
CA GLY B 372 -26.09 -28.36 -6.48
C GLY B 372 -26.18 -26.86 -6.58
N LEU B 373 -25.04 -26.17 -6.57
CA LEU B 373 -24.96 -24.73 -6.67
C LEU B 373 -24.23 -24.35 -7.94
N PRO B 374 -24.39 -23.12 -8.43
CA PRO B 374 -23.74 -22.71 -9.69
C PRO B 374 -22.26 -22.41 -9.48
N ILE B 375 -21.49 -23.47 -9.29
CA ILE B 375 -20.07 -23.37 -8.95
C ILE B 375 -19.30 -24.26 -9.92
N THR B 376 -18.24 -23.70 -10.51
CA THR B 376 -17.33 -24.46 -11.35
C THR B 376 -15.91 -24.24 -10.84
N SER B 377 -15.05 -25.21 -11.09
CA SER B 377 -13.65 -25.16 -10.70
C SER B 377 -12.80 -24.79 -11.91
N ALA B 378 -11.66 -24.19 -11.64
CA ALA B 378 -10.70 -23.82 -12.67
C ALA B 378 -9.36 -24.47 -12.35
N ILE B 379 -8.60 -24.79 -13.41
CA ILE B 379 -7.33 -25.47 -13.21
C ILE B 379 -6.15 -24.52 -13.10
N ASP B 380 -6.30 -23.27 -13.53
CA ASP B 380 -5.27 -22.27 -13.32
C ASP B 380 -5.94 -20.91 -13.48
N LEU B 381 -5.14 -19.85 -13.34
CA LEU B 381 -5.72 -18.52 -13.31
C LEU B 381 -6.30 -18.13 -14.68
N GLU B 382 -5.66 -18.57 -15.77
CA GLU B 382 -6.17 -18.22 -17.09
C GLU B 382 -7.49 -18.93 -17.38
N ASP B 383 -7.56 -20.23 -17.07
CA ASP B 383 -8.81 -20.97 -17.15
C ASP B 383 -9.89 -20.32 -16.30
N ALA B 384 -9.53 -19.86 -15.09
CA ALA B 384 -10.51 -19.23 -14.22
C ALA B 384 -11.05 -17.96 -14.85
N ALA B 385 -10.16 -17.12 -15.41
CA ALA B 385 -10.61 -15.88 -16.00
C ALA B 385 -11.50 -16.13 -17.22
N LYS B 386 -11.10 -17.05 -18.09
CA LYS B 386 -11.92 -17.34 -19.26
C LYS B 386 -13.29 -17.87 -18.84
N LYS B 387 -13.33 -18.76 -17.84
CA LYS B 387 -14.61 -19.28 -17.38
C LYS B 387 -15.47 -18.16 -16.78
N ALA B 388 -14.85 -17.26 -16.01
CA ALA B 388 -15.61 -16.16 -15.42
C ALA B 388 -16.18 -15.25 -16.50
N VAL B 389 -15.37 -14.90 -17.49
CA VAL B 389 -15.85 -14.04 -18.56
C VAL B 389 -16.99 -14.71 -19.31
N ALA B 390 -16.86 -16.01 -19.58
CA ALA B 390 -17.88 -16.73 -20.33
C ALA B 390 -19.17 -16.95 -19.55
N SER B 391 -19.17 -16.70 -18.23
CA SER B 391 -20.36 -16.93 -17.43
C SER B 391 -21.31 -15.74 -17.38
N VAL B 392 -20.92 -14.60 -17.96
CA VAL B 392 -21.77 -13.42 -17.98
C VAL B 392 -22.30 -13.23 -19.40
N ALA B 393 -23.53 -12.74 -19.49
CA ALA B 393 -24.20 -12.56 -20.79
C ALA B 393 -24.10 -11.11 -21.27
#